data_2NVW
#
_entry.id   2NVW
#
_cell.length_a   112.200
_cell.length_b   137.100
_cell.length_c   72.900
_cell.angle_alpha   90.00
_cell.angle_beta   90.00
_cell.angle_gamma   90.00
#
_symmetry.space_group_name_H-M   'P 21 21 2'
#
loop_
_entity.id
_entity.type
_entity.pdbx_description
1 polymer 'Galactose/lactose metabolism regulatory protein GAL80'
2 water water
#
_entity_poly.entity_id   1
_entity_poly.type   'polypeptide(L)'
_entity_poly.pdbx_seq_one_letter_code
;MGSSHHHHHHSSENLYFQGHMLANNNKRSKLSTVPSSRPIRVGFVGLTSGKSWVAKTHFLAIQQLSSQFQIVALYNPTLK
SSLQTIEQLQLKHATGFDSLESFAQYKDIDMIVVSVKVPEHYEVVKNILEHSSQNLNLRYLYVEWALAASVQQAEELYSI
SQQRANLQTIICLQGRKSPYIVRAKELISEGCIGDINSIEISGNGGWYGYERPMRSPEYLYDIESGVNLISNSFGHTIDV
LQYITGSYFQKINAMISNNIPTQFLLDENGKRTKETISKTCPDHLLFQGILENGKVPVSCSFKGGTPVKKLTKNLVIDIH
GTKGDLKIEGDAGFVEISNLVLYFYGIKNGNGSSNGTDNNGAAAIKDKEKVTKSPSPSTGTSEEEQTMEVFHLRNYNSVV
GNILRIYESIADYHFLGKPESKSSRGPDDLFASTKFDKQGFRFEGFPTFKDAIILHRLIDAVFRSDKEEKTLDVSKIMI
;
_entity_poly.pdbx_strand_id   A,B
#
# COMPACT_ATOMS: atom_id res chain seq x y z
N HIS A 8 42.45 -1.73 -21.67
CA HIS A 8 41.64 -1.54 -20.44
C HIS A 8 40.61 -2.53 -19.83
N HIS A 9 39.61 -2.94 -20.60
CA HIS A 9 38.59 -3.90 -20.14
C HIS A 9 39.13 -5.31 -19.77
N HIS A 10 40.09 -5.81 -20.53
CA HIS A 10 40.67 -7.12 -20.26
C HIS A 10 42.01 -7.06 -19.50
N SER A 11 42.12 -6.07 -18.63
CA SER A 11 43.33 -5.90 -17.86
C SER A 11 43.41 -7.01 -16.84
N SER A 12 44.65 -7.36 -16.54
CA SER A 12 44.87 -8.41 -15.58
C SER A 12 44.14 -7.95 -14.33
N GLU A 13 44.25 -6.67 -14.02
CA GLU A 13 43.58 -6.21 -12.81
C GLU A 13 42.07 -6.54 -12.75
N ASN A 14 41.41 -6.75 -13.90
CA ASN A 14 39.97 -7.07 -13.90
C ASN A 14 39.54 -8.54 -13.85
N LEU A 15 40.53 -9.43 -13.88
CA LEU A 15 40.32 -10.86 -13.86
C LEU A 15 39.34 -11.43 -12.85
N TYR A 16 39.46 -11.00 -11.59
CA TYR A 16 38.58 -11.51 -10.53
C TYR A 16 37.13 -11.35 -10.98
N PHE A 17 36.74 -10.10 -11.29
CA PHE A 17 35.36 -9.74 -11.74
C PHE A 17 34.82 -10.49 -12.91
N GLN A 18 35.73 -10.95 -13.76
CA GLN A 18 35.34 -11.67 -14.95
C GLN A 18 35.19 -13.16 -14.66
N GLY A 19 35.36 -13.51 -13.41
CA GLY A 19 35.14 -14.85 -12.83
C GLY A 19 36.34 -15.77 -13.14
N HIS A 20 37.53 -15.17 -13.19
CA HIS A 20 38.79 -15.90 -13.46
C HIS A 20 39.53 -16.10 -12.12
N MET A 21 40.27 -17.22 -11.99
CA MET A 21 40.97 -17.52 -10.69
C MET A 21 42.40 -18.05 -10.78
N LEU A 22 43.28 -17.12 -10.54
CA LEU A 22 44.72 -17.33 -10.53
C LEU A 22 45.12 -18.36 -9.49
N ALA A 23 46.18 -19.04 -9.82
CA ALA A 23 46.74 -20.04 -8.94
C ALA A 23 47.55 -19.31 -7.87
N ASN A 24 47.47 -19.84 -6.66
CA ASN A 24 48.18 -19.28 -5.49
C ASN A 24 49.47 -20.05 -5.24
N ASN A 25 50.15 -19.45 -4.19
CA ASN A 25 51.25 -20.09 -3.49
C ASN A 25 50.82 -20.15 -2.03
N ASN A 26 49.58 -19.72 -1.80
CA ASN A 26 48.94 -19.64 -0.49
C ASN A 26 48.29 -20.91 0.07
N LYS A 27 48.93 -21.45 1.12
CA LYS A 27 48.58 -22.68 1.85
C LYS A 27 47.14 -22.92 2.33
N ARG A 28 46.51 -21.83 2.76
CA ARG A 28 45.16 -21.73 3.27
C ARG A 28 44.21 -21.30 2.12
N SER A 29 44.60 -21.58 0.88
CA SER A 29 43.81 -21.22 -0.31
C SER A 29 43.50 -22.40 -1.21
N LYS A 30 42.26 -22.65 -1.61
CA LYS A 30 42.08 -23.83 -2.49
C LYS A 30 42.88 -23.64 -3.80
N LEU A 31 43.16 -22.40 -4.20
CA LEU A 31 43.86 -22.08 -5.45
C LEU A 31 45.36 -22.34 -5.48
N SER A 32 45.87 -22.72 -4.32
CA SER A 32 47.29 -23.02 -4.10
C SER A 32 47.57 -24.37 -4.74
N THR A 33 46.60 -25.30 -4.73
CA THR A 33 46.90 -26.56 -5.41
C THR A 33 46.03 -26.97 -6.58
N VAL A 34 46.61 -27.84 -7.39
CA VAL A 34 45.84 -28.28 -8.53
C VAL A 34 44.56 -29.08 -8.27
N PRO A 35 44.65 -30.06 -7.40
CA PRO A 35 43.52 -30.89 -7.06
C PRO A 35 42.42 -30.12 -6.28
N SER A 36 42.85 -29.20 -5.43
CA SER A 36 41.84 -28.49 -4.67
C SER A 36 41.20 -27.40 -5.44
N SER A 37 41.73 -27.25 -6.65
CA SER A 37 41.24 -26.16 -7.46
C SER A 37 40.23 -26.69 -8.45
N ARG A 38 39.88 -27.96 -8.33
CA ARG A 38 38.91 -28.52 -9.27
C ARG A 38 37.60 -27.76 -9.21
N PRO A 39 36.80 -27.79 -10.28
CA PRO A 39 35.52 -27.10 -10.33
C PRO A 39 34.54 -27.81 -9.44
N ILE A 40 33.59 -27.09 -8.91
CA ILE A 40 32.60 -27.75 -8.08
C ILE A 40 31.86 -28.76 -8.94
N ARG A 41 31.79 -30.01 -8.50
CA ARG A 41 31.11 -31.06 -9.28
C ARG A 41 29.70 -31.02 -8.81
N VAL A 42 28.83 -30.79 -9.78
CA VAL A 42 27.40 -30.65 -9.54
C VAL A 42 26.46 -31.76 -9.96
N GLY A 43 25.47 -32.09 -9.13
CA GLY A 43 24.48 -33.14 -9.47
C GLY A 43 23.10 -32.50 -9.47
N PHE A 44 22.36 -32.80 -10.52
CA PHE A 44 21.03 -32.20 -10.58
C PHE A 44 19.90 -33.14 -10.40
N VAL A 45 18.88 -32.50 -9.88
CA VAL A 45 17.59 -33.12 -9.70
C VAL A 45 16.68 -32.03 -10.29
N GLY A 46 16.08 -32.37 -11.41
CA GLY A 46 15.20 -31.37 -12.05
C GLY A 46 15.58 -31.12 -13.52
N LEU A 47 16.73 -31.66 -13.92
CA LEU A 47 17.27 -31.53 -15.27
C LEU A 47 16.53 -32.53 -16.16
N THR A 48 15.23 -32.25 -16.29
CA THR A 48 14.18 -32.94 -17.04
C THR A 48 14.60 -33.21 -18.49
N SER A 49 14.98 -32.14 -19.18
CA SER A 49 15.32 -32.23 -20.57
C SER A 49 16.16 -31.03 -20.95
N GLY A 50 16.36 -30.94 -22.27
CA GLY A 50 17.08 -29.87 -22.94
C GLY A 50 16.20 -28.61 -22.96
N LYS A 51 14.92 -28.75 -22.64
CA LYS A 51 14.05 -27.60 -22.60
C LYS A 51 13.37 -27.33 -21.24
N SER A 52 13.80 -28.02 -20.19
CA SER A 52 13.22 -27.82 -18.87
C SER A 52 13.69 -26.46 -18.36
N TRP A 53 13.15 -26.07 -17.22
CA TRP A 53 13.50 -24.80 -16.62
C TRP A 53 14.95 -24.72 -16.17
N VAL A 54 15.44 -25.83 -15.64
CA VAL A 54 16.81 -25.77 -15.22
C VAL A 54 17.74 -25.54 -16.42
N ALA A 55 17.38 -26.13 -17.53
CA ALA A 55 18.17 -26.08 -18.75
C ALA A 55 18.40 -24.65 -19.11
N LYS A 56 17.32 -23.90 -19.01
CA LYS A 56 17.24 -22.48 -19.35
C LYS A 56 17.65 -21.46 -18.26
N THR A 57 18.02 -21.97 -17.09
CA THR A 57 18.43 -21.07 -16.02
C THR A 57 19.74 -21.55 -15.45
N HIS A 58 19.62 -22.49 -14.52
CA HIS A 58 20.81 -23.02 -13.83
C HIS A 58 21.86 -23.54 -14.78
N PHE A 59 21.39 -24.21 -15.80
CA PHE A 59 22.36 -24.77 -16.71
C PHE A 59 23.18 -23.69 -17.42
N LEU A 60 22.54 -22.64 -17.88
CA LEU A 60 23.32 -21.63 -18.57
C LEU A 60 24.31 -21.00 -17.65
N ALA A 61 23.85 -20.77 -16.44
CA ALA A 61 24.71 -20.16 -15.46
C ALA A 61 25.98 -20.95 -15.30
N ILE A 62 25.79 -22.25 -15.17
CA ILE A 62 26.93 -23.10 -14.99
C ILE A 62 27.79 -23.09 -16.24
N GLN A 63 27.13 -23.02 -17.39
CA GLN A 63 27.86 -23.03 -18.64
C GLN A 63 28.82 -21.90 -18.66
N GLN A 64 28.42 -20.76 -18.14
CA GLN A 64 29.34 -19.65 -18.14
C GLN A 64 30.46 -19.77 -17.12
N LEU A 65 30.19 -20.52 -16.06
CA LEU A 65 31.21 -20.65 -15.00
C LEU A 65 31.96 -21.97 -15.03
N SER A 66 32.39 -22.33 -16.25
CA SER A 66 33.11 -23.54 -16.65
C SER A 66 34.32 -23.78 -15.76
N SER A 67 34.99 -22.68 -15.45
CA SER A 67 36.21 -22.68 -14.63
C SER A 67 35.88 -23.08 -13.22
N GLN A 68 34.63 -22.90 -12.78
CA GLN A 68 34.26 -23.17 -11.41
C GLN A 68 33.24 -24.22 -11.14
N PHE A 69 32.44 -24.52 -12.14
CA PHE A 69 31.44 -25.54 -11.89
C PHE A 69 31.36 -26.52 -13.00
N GLN A 70 31.05 -27.73 -12.59
CA GLN A 70 30.91 -28.79 -13.56
C GLN A 70 29.85 -29.85 -13.22
N ILE A 71 29.01 -30.17 -14.21
CA ILE A 71 27.94 -31.18 -14.06
C ILE A 71 28.39 -32.64 -14.17
N VAL A 72 28.27 -33.40 -13.08
CA VAL A 72 28.66 -34.82 -13.01
C VAL A 72 27.55 -35.86 -12.93
N ALA A 73 26.33 -35.39 -12.64
CA ALA A 73 25.20 -36.31 -12.52
C ALA A 73 23.87 -35.59 -12.65
N LEU A 74 22.85 -36.36 -13.04
CA LEU A 74 21.46 -35.90 -13.13
C LEU A 74 20.63 -37.04 -12.60
N TYR A 75 19.47 -36.79 -12.02
CA TYR A 75 18.62 -37.90 -11.61
C TYR A 75 17.36 -37.71 -12.44
N ASN A 76 16.81 -38.83 -12.89
CA ASN A 76 15.56 -38.85 -13.65
C ASN A 76 14.95 -40.21 -13.43
N PRO A 77 13.64 -40.15 -13.25
CA PRO A 77 12.82 -41.32 -13.01
C PRO A 77 13.17 -42.31 -14.09
N THR A 78 13.51 -41.76 -15.24
CA THR A 78 13.90 -42.50 -16.43
C THR A 78 15.27 -42.09 -16.93
N LEU A 79 16.08 -43.10 -17.12
CA LEU A 79 17.45 -42.97 -17.61
C LEU A 79 17.37 -42.56 -19.06
N LYS A 80 16.36 -43.06 -19.75
CA LYS A 80 16.23 -42.72 -21.15
C LYS A 80 16.27 -41.20 -21.10
N SER A 81 15.45 -40.65 -20.21
CA SER A 81 15.36 -39.20 -20.05
C SER A 81 16.64 -38.46 -19.77
N SER A 82 17.39 -39.02 -18.84
CA SER A 82 18.65 -38.43 -18.45
C SER A 82 19.71 -38.57 -19.52
N LEU A 83 19.64 -39.67 -20.28
CA LEU A 83 20.62 -39.93 -21.34
C LEU A 83 20.23 -39.05 -22.55
N GLN A 84 18.94 -38.85 -22.72
CA GLN A 84 18.60 -38.01 -23.83
C GLN A 84 19.16 -36.61 -23.52
N THR A 85 18.83 -36.09 -22.34
CA THR A 85 19.23 -34.77 -21.83
C THR A 85 20.74 -34.57 -21.88
N ILE A 86 21.48 -35.58 -21.46
CA ILE A 86 22.94 -35.46 -21.54
C ILE A 86 23.42 -35.24 -23.00
N GLU A 87 22.77 -35.90 -23.95
CA GLU A 87 23.18 -35.74 -25.33
C GLU A 87 22.88 -34.37 -25.88
N GLN A 88 21.66 -33.88 -25.60
CA GLN A 88 21.21 -32.57 -26.06
C GLN A 88 22.13 -31.43 -25.57
N LEU A 89 22.48 -31.43 -24.29
CA LEU A 89 23.32 -30.39 -23.72
C LEU A 89 24.80 -30.72 -23.71
N GLN A 90 25.09 -31.85 -24.32
CA GLN A 90 26.49 -32.21 -24.44
C GLN A 90 27.30 -32.23 -23.15
N LEU A 91 26.77 -32.78 -22.08
CA LEU A 91 27.55 -32.81 -20.86
C LEU A 91 28.48 -34.00 -20.95
N LYS A 92 29.74 -33.66 -21.17
CA LYS A 92 30.79 -34.64 -21.31
C LYS A 92 31.13 -35.31 -20.01
N HIS A 93 30.80 -34.68 -18.91
CA HIS A 93 31.15 -35.35 -17.68
C HIS A 93 30.03 -35.98 -16.88
N ALA A 94 28.81 -35.92 -17.39
CA ALA A 94 27.71 -36.47 -16.60
C ALA A 94 27.17 -37.91 -16.58
N THR A 95 27.01 -38.52 -15.40
CA THR A 95 26.42 -39.84 -15.34
C THR A 95 24.93 -39.71 -14.98
N GLY A 96 24.09 -40.51 -15.62
CA GLY A 96 22.66 -40.54 -15.38
C GLY A 96 22.34 -41.53 -14.21
N PHE A 97 21.44 -41.15 -13.29
CA PHE A 97 21.00 -41.98 -12.15
C PHE A 97 19.53 -42.41 -12.22
N ASP A 98 19.31 -43.68 -11.91
CA ASP A 98 18.00 -44.34 -11.95
C ASP A 98 17.27 -44.08 -10.68
N SER A 99 18.06 -43.84 -9.66
CA SER A 99 17.44 -43.67 -8.39
C SER A 99 18.16 -42.55 -7.66
N LEU A 100 17.33 -41.81 -6.95
CA LEU A 100 17.78 -40.69 -6.16
C LEU A 100 18.75 -41.18 -5.11
N GLU A 101 18.47 -42.38 -4.63
CA GLU A 101 19.40 -42.94 -3.64
C GLU A 101 20.79 -43.19 -4.19
N SER A 102 20.81 -43.59 -5.45
CA SER A 102 22.12 -43.84 -6.02
C SER A 102 22.79 -42.50 -6.32
N PHE A 103 21.99 -41.64 -6.95
CA PHE A 103 22.42 -40.31 -7.35
C PHE A 103 22.99 -39.72 -6.09
N ALA A 104 22.27 -39.81 -4.98
CA ALA A 104 22.75 -39.23 -3.72
C ALA A 104 23.99 -39.91 -3.16
N GLN A 105 24.20 -41.16 -3.55
CA GLN A 105 25.38 -41.78 -2.99
C GLN A 105 26.60 -41.51 -3.83
N TYR A 106 26.37 -41.08 -5.05
CA TYR A 106 27.48 -40.83 -5.96
C TYR A 106 28.57 -40.02 -5.24
N LYS A 107 29.78 -40.52 -5.03
CA LYS A 107 30.81 -39.74 -4.34
C LYS A 107 31.51 -38.56 -5.05
N ASP A 108 31.41 -38.49 -6.36
CA ASP A 108 32.05 -37.41 -7.08
C ASP A 108 31.27 -36.12 -6.99
N ILE A 109 30.08 -36.16 -6.41
CA ILE A 109 29.31 -34.92 -6.33
C ILE A 109 29.73 -33.98 -5.22
N ASP A 110 29.85 -32.69 -5.52
CA ASP A 110 30.22 -31.75 -4.47
C ASP A 110 29.04 -30.96 -4.03
N MET A 111 28.12 -30.75 -4.95
CA MET A 111 26.91 -30.00 -4.66
C MET A 111 25.73 -30.60 -5.40
N ILE A 112 24.59 -30.58 -4.73
CA ILE A 112 23.40 -31.07 -5.40
C ILE A 112 22.42 -29.91 -5.46
N VAL A 113 21.85 -29.79 -6.65
CA VAL A 113 20.91 -28.73 -6.87
C VAL A 113 19.54 -29.38 -7.11
N VAL A 114 18.52 -28.92 -6.40
CA VAL A 114 17.22 -29.48 -6.60
C VAL A 114 16.25 -28.49 -7.19
N SER A 115 15.67 -28.86 -8.33
CA SER A 115 14.69 -27.99 -8.95
C SER A 115 13.48 -28.82 -9.36
N VAL A 116 12.58 -29.05 -8.40
CA VAL A 116 11.38 -29.84 -8.68
C VAL A 116 10.13 -29.15 -8.08
N LYS A 117 8.94 -29.52 -8.49
CA LYS A 117 7.73 -28.94 -7.93
C LYS A 117 7.93 -28.82 -6.42
N VAL A 118 7.56 -27.68 -5.85
CA VAL A 118 7.67 -27.51 -4.40
C VAL A 118 7.02 -28.66 -3.60
N PRO A 119 5.84 -29.10 -4.04
CA PRO A 119 5.18 -30.17 -3.34
C PRO A 119 6.02 -31.41 -3.23
N GLU A 120 7.04 -31.55 -4.08
CA GLU A 120 7.93 -32.70 -4.02
C GLU A 120 9.19 -32.33 -3.24
N HIS A 121 9.47 -31.06 -2.98
CA HIS A 121 10.69 -30.77 -2.25
C HIS A 121 11.01 -31.62 -1.04
N TYR A 122 10.08 -31.65 -0.09
CA TYR A 122 10.27 -32.38 1.17
C TYR A 122 10.88 -33.79 1.08
N GLU A 123 10.11 -34.65 0.43
CA GLU A 123 10.52 -36.03 0.26
C GLU A 123 11.86 -36.03 -0.44
N VAL A 124 11.95 -35.34 -1.56
CA VAL A 124 13.21 -35.34 -2.27
C VAL A 124 14.44 -34.98 -1.46
N VAL A 125 14.39 -33.78 -0.92
CA VAL A 125 15.57 -33.36 -0.20
C VAL A 125 15.72 -34.21 1.02
N LYS A 126 14.57 -34.61 1.55
CA LYS A 126 14.67 -35.46 2.74
C LYS A 126 15.52 -36.69 2.44
N ASN A 127 15.20 -37.33 1.34
CA ASN A 127 15.92 -38.52 0.95
C ASN A 127 17.35 -38.19 0.58
N ILE A 128 17.54 -37.08 -0.13
CA ILE A 128 18.90 -36.70 -0.51
C ILE A 128 19.73 -36.61 0.76
N LEU A 129 19.20 -35.92 1.74
CA LEU A 129 19.93 -35.78 2.98
C LEU A 129 20.28 -37.17 3.46
N GLU A 130 19.24 -37.94 3.71
CA GLU A 130 19.38 -39.32 4.19
C GLU A 130 20.38 -40.16 3.41
N HIS A 131 20.47 -40.02 2.11
CA HIS A 131 21.43 -40.87 1.44
C HIS A 131 22.80 -40.26 1.17
N SER A 132 22.96 -38.95 1.36
CA SER A 132 24.23 -38.27 1.10
C SER A 132 25.09 -38.55 2.31
N SER A 133 24.51 -39.26 3.28
CA SER A 133 25.16 -39.58 4.56
C SER A 133 26.54 -40.21 4.67
N GLN A 134 27.10 -40.68 3.56
CA GLN A 134 28.44 -41.25 3.46
C GLN A 134 29.43 -40.51 2.58
N ASN A 135 28.87 -39.88 1.53
CA ASN A 135 29.63 -39.07 0.59
C ASN A 135 30.18 -37.89 1.36
N LEU A 136 31.49 -37.80 1.49
CA LEU A 136 31.90 -36.65 2.26
C LEU A 136 32.18 -35.40 1.43
N ASN A 137 32.23 -35.57 0.11
CA ASN A 137 32.48 -34.48 -0.84
C ASN A 137 31.22 -33.63 -0.85
N LEU A 138 30.11 -34.20 -0.40
CA LEU A 138 28.85 -33.44 -0.38
C LEU A 138 29.03 -32.25 0.55
N ARG A 139 29.20 -31.12 -0.10
CA ARG A 139 29.47 -29.92 0.67
C ARG A 139 28.41 -28.83 0.54
N TYR A 140 27.61 -28.93 -0.52
CA TYR A 140 26.58 -27.92 -0.80
C TYR A 140 25.25 -28.51 -1.26
N LEU A 141 24.15 -28.03 -0.68
CA LEU A 141 22.80 -28.49 -1.05
C LEU A 141 22.00 -27.21 -1.34
N TYR A 142 21.60 -27.10 -2.60
CA TYR A 142 20.96 -25.93 -3.18
C TYR A 142 19.56 -26.21 -3.65
N VAL A 143 18.62 -25.47 -3.08
CA VAL A 143 17.21 -25.71 -3.38
C VAL A 143 16.54 -24.41 -3.74
N GLU A 144 15.53 -24.53 -4.59
CA GLU A 144 14.77 -23.35 -5.02
C GLU A 144 13.73 -22.98 -3.99
N TRP A 145 13.47 -21.68 -3.82
CA TRP A 145 12.44 -21.18 -2.91
C TRP A 145 11.11 -21.61 -3.59
N ALA A 146 10.08 -22.09 -2.91
CA ALA A 146 9.96 -22.25 -1.48
C ALA A 146 10.77 -23.45 -1.08
N LEU A 147 11.33 -23.40 0.12
CA LEU A 147 12.09 -24.53 0.59
C LEU A 147 11.11 -25.68 0.63
N ALA A 148 9.91 -25.54 1.18
CA ALA A 148 9.08 -26.75 1.18
C ALA A 148 7.66 -26.32 1.06
N ALA A 149 6.73 -27.27 1.02
CA ALA A 149 5.34 -26.92 0.86
C ALA A 149 4.65 -26.29 2.09
N SER A 150 5.20 -26.54 3.28
CA SER A 150 4.65 -26.00 4.54
C SER A 150 5.83 -25.75 5.44
N VAL A 151 5.60 -24.89 6.42
CA VAL A 151 6.64 -24.59 7.37
C VAL A 151 7.06 -25.82 8.19
N GLN A 152 6.16 -26.78 8.29
CA GLN A 152 6.46 -27.94 9.14
C GLN A 152 7.51 -28.69 8.41
N GLN A 153 7.18 -28.98 7.16
CA GLN A 153 8.14 -29.69 6.33
C GLN A 153 9.49 -28.96 6.37
N ALA A 154 9.39 -27.65 6.21
CA ALA A 154 10.56 -26.81 6.16
C ALA A 154 11.38 -26.94 7.44
N GLU A 155 10.69 -26.76 8.55
CA GLU A 155 11.45 -26.81 9.75
C GLU A 155 12.22 -28.07 9.81
N GLU A 156 11.59 -29.13 9.37
CA GLU A 156 12.30 -30.40 9.47
C GLU A 156 13.49 -30.57 8.55
N LEU A 157 13.30 -30.10 7.34
CA LEU A 157 14.41 -30.26 6.41
C LEU A 157 15.50 -29.48 7.09
N TYR A 158 15.08 -28.31 7.56
CA TYR A 158 16.06 -27.48 8.22
C TYR A 158 16.83 -28.22 9.29
N SER A 159 16.06 -28.76 10.23
CA SER A 159 16.62 -29.48 11.36
C SER A 159 17.63 -30.55 11.00
N ILE A 160 17.30 -31.27 9.96
CA ILE A 160 18.23 -32.30 9.58
C ILE A 160 19.52 -31.64 9.11
N SER A 161 19.37 -30.76 8.14
CA SER A 161 20.57 -30.12 7.65
C SER A 161 21.40 -29.51 8.74
N GLN A 162 20.82 -28.80 9.69
CA GLN A 162 21.74 -28.19 10.64
C GLN A 162 22.75 -29.18 11.17
N GLN A 163 22.26 -30.40 11.27
CA GLN A 163 23.05 -31.47 11.79
C GLN A 163 24.09 -32.05 10.86
N ARG A 164 24.33 -31.34 9.76
CA ARG A 164 25.35 -31.81 8.84
C ARG A 164 26.41 -30.71 8.86
N ALA A 165 27.36 -30.92 9.74
CA ALA A 165 28.44 -29.99 10.01
C ALA A 165 29.24 -29.46 8.87
N ASN A 166 29.37 -30.23 7.81
CA ASN A 166 30.14 -29.84 6.64
C ASN A 166 29.32 -29.52 5.41
N LEU A 167 28.00 -29.52 5.56
CA LEU A 167 27.12 -29.27 4.46
C LEU A 167 26.66 -27.83 4.45
N GLN A 168 26.96 -27.13 3.39
CA GLN A 168 26.47 -25.78 3.37
C GLN A 168 25.14 -25.88 2.57
N THR A 169 24.12 -25.13 2.97
CA THR A 169 22.86 -25.19 2.23
C THR A 169 22.71 -23.79 1.63
N ILE A 170 21.99 -23.79 0.53
CA ILE A 170 21.73 -22.57 -0.22
C ILE A 170 20.26 -22.63 -0.65
N ILE A 171 19.61 -21.48 -0.57
CA ILE A 171 18.19 -21.37 -0.96
C ILE A 171 18.13 -20.42 -2.15
N CYS A 172 17.29 -20.63 -3.16
CA CYS A 172 17.33 -19.72 -4.29
C CYS A 172 16.41 -18.50 -4.15
N LEU A 173 16.83 -17.48 -3.40
CA LEU A 173 16.03 -16.27 -3.20
C LEU A 173 16.92 -15.33 -3.97
N GLN A 174 16.81 -15.46 -5.29
CA GLN A 174 17.69 -14.67 -6.13
C GLN A 174 17.41 -13.18 -6.28
N GLY A 175 16.29 -12.70 -5.75
CA GLY A 175 16.00 -11.29 -5.84
C GLY A 175 17.08 -10.57 -5.06
N ARG A 176 17.62 -11.22 -4.04
CA ARG A 176 18.71 -10.59 -3.24
C ARG A 176 19.97 -10.20 -4.04
N LYS A 177 20.14 -10.80 -5.21
CA LYS A 177 21.29 -10.53 -6.05
C LYS A 177 20.86 -9.65 -7.21
N SER A 178 19.62 -9.23 -7.20
CA SER A 178 19.21 -8.35 -8.27
C SER A 178 19.98 -7.05 -8.05
N PRO A 179 20.55 -6.57 -9.15
CA PRO A 179 21.37 -5.38 -9.15
C PRO A 179 20.59 -4.17 -8.66
N TYR A 180 19.27 -4.27 -8.76
CA TYR A 180 18.47 -3.15 -8.32
C TYR A 180 18.36 -3.32 -6.85
N ILE A 181 18.30 -4.56 -6.41
CA ILE A 181 18.21 -4.74 -4.97
C ILE A 181 19.53 -4.36 -4.33
N VAL A 182 20.63 -4.74 -4.95
CA VAL A 182 21.92 -4.37 -4.36
C VAL A 182 22.07 -2.84 -4.34
N ARG A 183 21.81 -2.19 -5.47
CA ARG A 183 21.90 -0.75 -5.53
C ARG A 183 21.05 -0.08 -4.44
N ALA A 184 19.81 -0.52 -4.26
CA ALA A 184 18.98 0.10 -3.22
C ALA A 184 19.59 -0.12 -1.88
N LYS A 185 20.12 -1.33 -1.67
CA LYS A 185 20.69 -1.68 -0.38
C LYS A 185 21.87 -0.77 -0.08
N GLU A 186 22.74 -0.58 -1.04
CA GLU A 186 23.89 0.32 -0.87
C GLU A 186 23.39 1.67 -0.47
N LEU A 187 22.43 2.14 -1.24
CA LEU A 187 21.85 3.46 -0.98
C LEU A 187 21.29 3.63 0.40
N ILE A 188 20.50 2.68 0.82
CA ILE A 188 19.99 2.87 2.16
C ILE A 188 21.09 2.69 3.17
N SER A 189 21.86 1.62 3.01
CA SER A 189 22.96 1.26 3.90
C SER A 189 23.81 2.46 4.16
N GLU A 190 24.10 3.21 3.10
CA GLU A 190 24.95 4.38 3.28
C GLU A 190 24.34 5.65 3.88
N GLY A 191 23.04 5.66 4.14
CA GLY A 191 22.50 6.87 4.73
C GLY A 191 21.99 7.83 3.68
N CYS A 192 22.02 7.41 2.41
CA CYS A 192 21.54 8.34 1.37
C CYS A 192 20.15 8.95 1.38
N ILE A 193 19.27 8.34 2.15
CA ILE A 193 17.90 8.86 2.23
C ILE A 193 17.58 9.10 3.71
N GLY A 194 18.62 9.06 4.53
CA GLY A 194 18.48 9.31 5.95
C GLY A 194 17.85 8.11 6.59
N ASP A 195 17.10 8.35 7.66
CA ASP A 195 16.39 7.32 8.41
C ASP A 195 15.15 6.97 7.58
N ILE A 196 14.78 5.70 7.54
CA ILE A 196 13.59 5.31 6.77
C ILE A 196 12.36 5.70 7.57
N ASN A 197 11.40 6.33 6.92
CA ASN A 197 10.11 6.75 7.51
C ASN A 197 8.86 5.83 7.24
N SER A 198 8.63 5.43 5.99
CA SER A 198 7.51 4.57 5.62
C SER A 198 7.85 3.86 4.32
N ILE A 199 7.26 2.67 4.15
CA ILE A 199 7.43 1.90 2.94
C ILE A 199 6.12 1.44 2.29
N GLU A 200 6.00 1.51 0.95
CA GLU A 200 4.82 1.01 0.23
C GLU A 200 5.28 0.00 -0.81
N ILE A 201 4.55 -1.10 -0.92
CA ILE A 201 4.85 -2.19 -1.82
C ILE A 201 3.61 -2.69 -2.54
N SER A 202 3.78 -2.94 -3.82
CA SER A 202 2.72 -3.44 -4.67
C SER A 202 3.42 -4.48 -5.54
N GLY A 203 2.78 -5.64 -5.67
CA GLY A 203 3.29 -6.73 -6.50
C GLY A 203 2.10 -7.44 -7.16
N ASN A 204 2.36 -8.50 -7.92
CA ASN A 204 1.32 -9.24 -8.63
C ASN A 204 1.76 -10.68 -8.79
N GLY A 205 0.92 -11.65 -8.44
CA GLY A 205 1.34 -13.03 -8.54
C GLY A 205 1.27 -13.71 -9.91
N GLY A 206 0.98 -12.88 -10.90
CA GLY A 206 0.88 -13.27 -12.29
C GLY A 206 -0.25 -14.21 -12.70
N TRP A 207 -0.35 -15.43 -12.13
CA TRP A 207 -1.40 -16.32 -12.63
C TRP A 207 -2.64 -16.44 -11.84
N TYR A 208 -2.62 -15.79 -10.70
CA TYR A 208 -3.76 -15.92 -9.84
C TYR A 208 -4.78 -14.85 -9.99
N GLY A 209 -5.01 -14.44 -11.25
CA GLY A 209 -5.99 -13.37 -11.58
C GLY A 209 -7.23 -13.91 -12.28
N TYR A 210 -7.83 -13.14 -13.19
CA TYR A 210 -9.04 -13.63 -13.88
C TYR A 210 -8.83 -14.74 -14.93
N GLU A 211 -7.69 -14.80 -15.58
CA GLU A 211 -7.53 -15.84 -16.56
C GLU A 211 -6.23 -16.63 -16.40
N ARG A 212 -6.30 -17.93 -16.68
CA ARG A 212 -5.17 -18.89 -16.59
C ARG A 212 -4.56 -19.29 -17.94
N PRO A 213 -3.22 -19.30 -18.01
CA PRO A 213 -2.50 -19.71 -19.23
C PRO A 213 -2.76 -21.18 -19.46
N MET A 214 -2.70 -21.47 -20.75
CA MET A 214 -2.94 -22.80 -21.27
C MET A 214 -1.93 -23.77 -20.70
N ARG A 215 -2.40 -24.97 -20.37
CA ARG A 215 -1.44 -25.95 -19.88
C ARG A 215 -0.65 -25.50 -18.68
N SER A 216 -1.33 -25.01 -17.67
CA SER A 216 -0.63 -24.52 -16.51
C SER A 216 -1.01 -25.59 -15.48
N PRO A 217 -0.03 -26.13 -14.78
CA PRO A 217 -0.26 -27.15 -13.74
C PRO A 217 -1.15 -26.79 -12.54
N GLU A 218 -2.17 -27.59 -12.39
CA GLU A 218 -3.20 -27.48 -11.37
C GLU A 218 -2.69 -27.24 -9.98
N TYR A 219 -1.59 -27.89 -9.64
CA TYR A 219 -1.13 -27.66 -8.29
C TYR A 219 -0.93 -26.22 -7.92
N LEU A 220 -0.44 -25.48 -8.89
CA LEU A 220 -0.27 -24.08 -8.59
C LEU A 220 -1.53 -23.43 -8.10
N TYR A 221 -2.70 -23.97 -8.47
CA TYR A 221 -4.01 -23.43 -8.11
C TYR A 221 -4.74 -24.06 -6.98
N ASP A 222 -4.02 -25.02 -6.44
CA ASP A 222 -4.58 -25.79 -5.34
C ASP A 222 -4.17 -25.21 -4.01
N ILE A 223 -5.15 -24.72 -3.26
CA ILE A 223 -4.78 -24.14 -1.99
C ILE A 223 -3.90 -25.12 -1.25
N GLU A 224 -4.27 -26.38 -1.40
CA GLU A 224 -3.56 -27.45 -0.74
C GLU A 224 -2.12 -27.70 -1.09
N SER A 225 -1.70 -27.30 -2.29
CA SER A 225 -0.32 -27.52 -2.72
C SER A 225 0.87 -26.97 -1.96
N GLY A 226 0.63 -25.83 -1.31
CA GLY A 226 1.69 -25.13 -0.58
C GLY A 226 2.27 -24.03 -1.50
N VAL A 227 1.81 -23.97 -2.74
CA VAL A 227 2.22 -22.97 -3.74
C VAL A 227 1.11 -21.98 -4.06
N ASN A 228 1.36 -20.70 -3.81
CA ASN A 228 0.26 -19.75 -4.01
C ASN A 228 0.85 -18.36 -4.07
N LEU A 229 -0.02 -17.37 -4.18
CA LEU A 229 0.33 -15.94 -4.29
C LEU A 229 1.25 -15.50 -3.16
N ILE A 230 0.86 -15.90 -1.95
CA ILE A 230 1.65 -15.58 -0.77
C ILE A 230 3.02 -16.26 -0.57
N SER A 231 3.04 -17.59 -0.59
CA SER A 231 4.26 -18.34 -0.29
C SER A 231 5.24 -18.12 -1.40
N ASN A 232 4.71 -17.78 -2.56
CA ASN A 232 5.69 -17.60 -3.61
C ASN A 232 6.21 -16.19 -3.94
N SER A 233 5.47 -15.38 -4.69
CA SER A 233 5.86 -14.00 -5.05
C SER A 233 5.84 -13.04 -3.88
N PHE A 234 4.79 -13.05 -3.08
CA PHE A 234 4.90 -12.12 -1.96
C PHE A 234 6.17 -12.55 -1.19
N GLY A 235 6.35 -13.87 -1.07
CA GLY A 235 7.52 -14.43 -0.37
C GLY A 235 8.86 -13.81 -0.80
N HIS A 236 9.13 -13.95 -2.08
CA HIS A 236 10.33 -13.43 -2.63
C HIS A 236 10.38 -11.94 -2.37
N THR A 237 9.23 -11.30 -2.52
CA THR A 237 9.28 -9.85 -2.36
C THR A 237 9.49 -9.36 -0.96
N ILE A 238 8.87 -10.05 -0.02
CA ILE A 238 9.00 -9.48 1.32
C ILE A 238 10.41 -9.78 1.81
N ASP A 239 11.00 -10.89 1.41
CA ASP A 239 12.36 -11.13 1.88
C ASP A 239 13.31 -10.09 1.26
N VAL A 240 13.06 -9.71 0.03
CA VAL A 240 13.95 -8.74 -0.57
C VAL A 240 13.73 -7.41 0.19
N LEU A 241 12.50 -7.14 0.56
CA LEU A 241 12.31 -5.91 1.29
C LEU A 241 13.09 -5.87 2.60
N GLN A 242 13.02 -6.96 3.35
CA GLN A 242 13.74 -6.90 4.60
C GLN A 242 15.21 -6.89 4.32
N TYR A 243 15.59 -7.57 3.24
CA TYR A 243 17.02 -7.62 2.92
C TYR A 243 17.53 -6.21 2.67
N ILE A 244 16.86 -5.50 1.79
CA ILE A 244 17.26 -4.16 1.47
C ILE A 244 17.18 -3.27 2.67
N THR A 245 16.19 -3.37 3.52
CA THR A 245 16.24 -2.41 4.62
C THR A 245 17.08 -2.82 5.83
N GLY A 246 17.53 -4.07 5.88
CA GLY A 246 18.34 -4.46 7.02
C GLY A 246 17.51 -4.72 8.25
N SER A 247 16.27 -5.09 8.03
CA SER A 247 15.44 -5.39 9.18
C SER A 247 14.41 -6.49 9.01
N TYR A 248 14.14 -7.19 10.11
CA TYR A 248 13.07 -8.20 10.08
C TYR A 248 11.85 -7.43 10.61
N PHE A 249 10.67 -8.03 10.54
CA PHE A 249 9.51 -7.34 11.04
C PHE A 249 9.29 -7.55 12.50
N GLN A 250 8.65 -6.55 13.09
CA GLN A 250 8.30 -6.64 14.49
C GLN A 250 6.91 -7.30 14.72
N LYS A 251 5.89 -6.85 14.00
CA LYS A 251 4.51 -7.37 14.08
C LYS A 251 3.86 -7.13 12.69
N ILE A 252 2.89 -7.96 12.33
CA ILE A 252 2.23 -7.86 11.02
C ILE A 252 0.74 -8.21 11.05
N ASN A 253 0.10 -7.80 9.97
CA ASN A 253 -1.31 -8.12 9.86
C ASN A 253 -1.58 -8.38 8.38
N ALA A 254 -2.35 -9.42 8.06
CA ALA A 254 -2.62 -9.75 6.65
C ALA A 254 -4.07 -10.06 6.38
N MET A 255 -4.60 -9.79 5.18
CA MET A 255 -6.02 -10.13 4.87
C MET A 255 -5.91 -10.71 3.48
N ILE A 256 -6.47 -11.90 3.38
CA ILE A 256 -6.36 -12.63 2.13
C ILE A 256 -7.67 -12.82 1.41
N SER A 257 -7.68 -12.59 0.10
CA SER A 257 -8.92 -12.78 -0.65
C SER A 257 -9.00 -13.87 -1.66
N ASN A 258 -10.23 -14.30 -1.92
CA ASN A 258 -10.54 -15.34 -2.91
C ASN A 258 -11.81 -14.84 -3.54
N ASN A 259 -11.65 -13.76 -4.25
CA ASN A 259 -12.82 -13.20 -4.88
C ASN A 259 -12.79 -13.86 -6.25
N ILE A 260 -11.78 -14.62 -6.59
CA ILE A 260 -11.80 -15.18 -7.93
C ILE A 260 -11.62 -16.67 -7.98
N PRO A 261 -12.64 -17.33 -7.47
CA PRO A 261 -12.81 -18.78 -7.37
C PRO A 261 -12.85 -19.53 -8.70
N THR A 262 -13.04 -18.82 -9.79
CA THR A 262 -13.05 -19.53 -11.06
C THR A 262 -12.42 -18.60 -12.05
N GLN A 263 -11.52 -19.09 -12.90
CA GLN A 263 -10.83 -18.31 -13.93
C GLN A 263 -11.23 -18.84 -15.32
N PHE A 264 -10.80 -18.14 -16.37
CA PHE A 264 -11.03 -18.40 -17.79
C PHE A 264 -9.72 -18.88 -18.39
N LEU A 265 -9.76 -19.88 -19.27
CA LEU A 265 -8.47 -20.28 -19.80
C LEU A 265 -8.00 -19.45 -20.98
N LEU A 266 -6.77 -19.70 -21.45
CA LEU A 266 -6.24 -18.98 -22.61
C LEU A 266 -5.10 -19.53 -23.45
N ASP A 267 -5.07 -19.14 -24.71
CA ASP A 267 -4.00 -19.66 -25.53
C ASP A 267 -3.52 -18.76 -26.67
N GLY A 270 -2.22 -16.37 -26.54
CA GLY A 270 -2.60 -16.39 -25.12
C GLY A 270 -3.91 -15.60 -25.04
N LYS A 271 -4.95 -16.26 -25.53
CA LYS A 271 -6.29 -15.70 -25.61
C LYS A 271 -7.46 -16.27 -24.81
N ARG A 272 -8.41 -15.39 -24.50
CA ARG A 272 -9.60 -15.71 -23.72
C ARG A 272 -10.63 -16.75 -24.18
N THR A 273 -11.40 -17.33 -23.29
CA THR A 273 -12.39 -18.34 -23.66
C THR A 273 -13.50 -18.25 -22.65
N LYS A 274 -14.53 -19.06 -22.79
CA LYS A 274 -15.59 -19.03 -21.82
C LYS A 274 -15.23 -20.31 -21.14
N GLU A 275 -14.24 -20.97 -21.71
CA GLU A 275 -13.83 -22.20 -21.05
C GLU A 275 -13.34 -21.74 -19.71
N THR A 276 -13.91 -22.34 -18.69
CA THR A 276 -13.65 -22.02 -17.31
C THR A 276 -12.89 -22.97 -16.36
N ILE A 277 -12.21 -22.42 -15.35
CA ILE A 277 -11.45 -23.20 -14.38
C ILE A 277 -11.42 -22.80 -12.89
N SER A 278 -11.41 -23.81 -12.02
CA SER A 278 -11.38 -23.57 -10.59
C SER A 278 -10.01 -23.21 -10.00
N LYS A 279 -10.04 -22.37 -8.96
CA LYS A 279 -8.84 -21.93 -8.22
C LYS A 279 -9.07 -21.82 -6.73
N THR A 280 -8.52 -22.73 -5.95
CA THR A 280 -8.73 -22.53 -4.53
C THR A 280 -7.65 -21.66 -3.91
N CYS A 281 -6.58 -21.45 -4.68
CA CYS A 281 -5.51 -20.59 -4.23
C CYS A 281 -6.12 -19.18 -4.11
N PRO A 282 -5.55 -18.27 -3.31
CA PRO A 282 -6.08 -16.91 -3.13
C PRO A 282 -5.73 -15.99 -4.29
N ASP A 283 -6.39 -14.83 -4.33
CA ASP A 283 -6.15 -13.95 -5.46
C ASP A 283 -5.68 -12.56 -5.13
N HIS A 284 -5.63 -12.29 -3.83
CA HIS A 284 -5.15 -10.99 -3.36
C HIS A 284 -4.62 -11.13 -1.94
N LEU A 285 -3.66 -10.26 -1.63
CA LEU A 285 -3.09 -10.19 -0.31
C LEU A 285 -2.86 -8.74 0.13
N LEU A 286 -3.40 -8.36 1.28
CA LEU A 286 -3.23 -7.10 2.00
C LEU A 286 -2.30 -7.54 3.14
N PHE A 287 -1.14 -6.90 3.21
CA PHE A 287 -0.17 -7.19 4.25
C PHE A 287 0.33 -5.87 4.75
N GLN A 288 0.41 -5.67 6.06
CA GLN A 288 0.97 -4.44 6.60
C GLN A 288 1.69 -4.81 7.88
N GLY A 289 2.69 -4.01 8.26
CA GLY A 289 3.37 -4.41 9.48
C GLY A 289 4.38 -3.39 9.85
N ILE A 290 4.97 -3.64 11.03
CA ILE A 290 6.00 -2.76 11.59
C ILE A 290 7.39 -3.41 11.62
N LEU A 291 8.36 -2.75 10.99
CA LEU A 291 9.69 -3.26 10.95
C LEU A 291 10.33 -2.89 12.27
N GLU A 292 11.07 -3.87 12.74
CA GLU A 292 11.71 -3.71 14.02
C GLU A 292 12.67 -2.55 14.05
N ASN A 293 13.57 -2.42 13.09
CA ASN A 293 14.49 -1.29 13.21
C ASN A 293 13.68 -0.02 12.91
N GLY A 294 13.78 0.92 13.82
CA GLY A 294 13.05 2.17 13.70
C GLY A 294 11.54 1.97 13.71
N LYS A 295 11.06 0.78 14.03
CA LYS A 295 9.60 0.59 14.02
C LYS A 295 8.96 1.26 12.78
N VAL A 296 9.51 1.06 11.59
CA VAL A 296 8.96 1.68 10.38
C VAL A 296 7.69 1.01 9.81
N PRO A 297 6.70 1.81 9.45
CA PRO A 297 5.51 1.20 8.87
C PRO A 297 5.73 0.72 7.41
N VAL A 298 5.19 -0.44 7.06
CA VAL A 298 5.24 -1.00 5.71
C VAL A 298 3.79 -1.39 5.30
N SER A 299 3.32 -1.03 4.10
CA SER A 299 1.99 -1.43 3.63
C SER A 299 2.17 -2.13 2.32
N CYS A 300 1.33 -3.12 2.07
CA CYS A 300 1.57 -3.83 0.83
C CYS A 300 0.29 -4.40 0.23
N SER A 301 0.22 -4.41 -1.10
CA SER A 301 -0.96 -4.94 -1.78
C SER A 301 -0.40 -5.78 -2.90
N PHE A 302 -0.75 -7.06 -2.89
CA PHE A 302 -0.29 -7.99 -3.92
C PHE A 302 -1.50 -8.59 -4.63
N LYS A 303 -1.58 -8.33 -5.93
CA LYS A 303 -2.70 -8.81 -6.74
C LYS A 303 -2.36 -10.17 -7.32
N GLY A 304 -3.36 -10.99 -7.65
CA GLY A 304 -3.11 -12.34 -8.17
C GLY A 304 -2.52 -12.44 -9.56
N GLY A 305 -2.98 -11.58 -10.47
CA GLY A 305 -2.50 -11.63 -11.83
C GLY A 305 -3.23 -10.65 -12.74
N THR A 306 -3.77 -11.14 -13.84
CA THR A 306 -4.47 -10.28 -14.79
C THR A 306 -5.85 -9.88 -14.30
N PRO A 307 -6.33 -8.68 -14.64
CA PRO A 307 -5.57 -7.74 -15.47
C PRO A 307 -4.46 -6.92 -14.81
N VAL A 308 -3.35 -6.81 -15.50
CA VAL A 308 -2.23 -6.04 -15.00
C VAL A 308 -2.71 -4.64 -14.71
N LYS A 309 -2.00 -3.90 -13.87
CA LYS A 309 -2.41 -2.53 -13.60
C LYS A 309 -1.93 -1.68 -14.77
N LYS A 310 -2.88 -0.93 -15.31
CA LYS A 310 -2.66 -0.03 -16.46
C LYS A 310 -2.18 1.38 -16.10
N LEU A 311 -2.49 1.88 -14.91
CA LEU A 311 -2.05 3.23 -14.59
C LEU A 311 -0.85 3.31 -13.68
N THR A 312 -0.35 2.17 -13.23
CA THR A 312 0.82 2.26 -12.39
C THR A 312 1.66 1.05 -12.74
N LYS A 313 2.93 1.09 -12.35
CA LYS A 313 3.82 -0.05 -12.62
C LYS A 313 3.35 -1.27 -11.85
N ASN A 314 3.55 -2.48 -12.36
CA ASN A 314 3.12 -3.69 -11.65
C ASN A 314 3.82 -4.09 -10.35
N LEU A 315 5.11 -3.80 -10.26
CA LEU A 315 5.89 -4.07 -9.06
C LEU A 315 6.40 -2.71 -8.67
N VAL A 316 6.19 -2.41 -7.42
CA VAL A 316 6.71 -1.15 -6.88
C VAL A 316 7.18 -1.41 -5.46
N ILE A 317 8.42 -0.98 -5.20
CA ILE A 317 9.04 -1.00 -3.89
C ILE A 317 9.39 0.49 -3.70
N ASP A 318 8.64 1.17 -2.84
CA ASP A 318 8.80 2.62 -2.64
C ASP A 318 9.19 3.02 -1.22
N ILE A 319 10.41 3.49 -1.07
CA ILE A 319 10.91 3.83 0.23
C ILE A 319 11.11 5.27 0.58
N HIS A 320 10.35 5.75 1.56
CA HIS A 320 10.38 7.15 2.01
C HIS A 320 11.26 7.34 3.28
N GLY A 321 12.32 8.13 3.18
CA GLY A 321 13.14 8.26 4.37
C GLY A 321 13.25 9.74 4.64
N THR A 322 14.02 10.05 5.67
CA THR A 322 14.22 11.42 6.08
C THR A 322 15.01 12.32 5.13
N LYS A 323 16.08 11.79 4.53
CA LYS A 323 16.85 12.70 3.69
C LYS A 323 16.68 12.48 2.25
N GLY A 324 15.76 11.56 1.97
CA GLY A 324 15.49 11.20 0.57
C GLY A 324 14.48 10.08 0.35
N ASP A 325 14.38 9.69 -0.92
CA ASP A 325 13.45 8.68 -1.39
C ASP A 325 14.15 7.78 -2.40
N LEU A 326 13.60 6.58 -2.55
CA LEU A 326 14.10 5.59 -3.48
C LEU A 326 12.92 4.68 -3.81
N LYS A 327 12.77 4.46 -5.12
CA LYS A 327 11.72 3.64 -5.67
C LYS A 327 12.26 2.73 -6.76
N ILE A 328 11.87 1.45 -6.67
CA ILE A 328 12.17 0.43 -7.63
C ILE A 328 10.75 0.13 -8.12
N GLU A 329 10.60 0.22 -9.43
CA GLU A 329 9.29 0.05 -10.08
C GLU A 329 9.56 -0.74 -11.38
N GLY A 330 8.62 -1.52 -11.88
CA GLY A 330 8.96 -2.22 -13.11
C GLY A 330 7.77 -3.07 -13.43
N ASP A 331 7.88 -3.84 -14.51
CA ASP A 331 6.82 -4.75 -14.95
C ASP A 331 7.63 -6.02 -15.17
N SER A 338 11.72 -8.79 -17.93
CA SER A 338 11.52 -8.09 -16.66
C SER A 338 12.01 -6.69 -16.98
N ASN A 339 11.32 -5.68 -16.45
CA ASN A 339 11.74 -4.30 -16.67
C ASN A 339 11.76 -3.34 -15.51
N LEU A 340 12.83 -3.40 -14.73
CA LEU A 340 13.00 -2.52 -13.57
C LEU A 340 13.91 -1.30 -13.67
N VAL A 341 13.60 -0.29 -12.87
CA VAL A 341 14.36 0.95 -12.84
C VAL A 341 14.39 1.37 -11.39
N LEU A 342 15.54 1.82 -10.93
CA LEU A 342 15.60 2.27 -9.55
C LEU A 342 15.77 3.78 -9.63
N TYR A 343 14.93 4.44 -8.88
CA TYR A 343 15.00 5.89 -8.85
C TYR A 343 15.40 6.35 -7.49
N PHE A 344 16.17 7.42 -7.45
CA PHE A 344 16.64 7.91 -6.15
C PHE A 344 16.79 9.42 -6.16
N TYR A 345 16.43 10.03 -5.05
CA TYR A 345 16.56 11.47 -4.90
C TYR A 345 17.03 11.52 -3.45
N GLY A 346 18.23 12.04 -3.20
CA GLY A 346 18.69 12.06 -1.81
C GLY A 346 20.10 12.60 -1.71
N ILE A 347 20.68 12.53 -0.51
CA ILE A 347 22.02 13.07 -0.26
C ILE A 347 23.04 12.13 -0.81
N LYS A 348 24.01 12.66 -1.55
CA LYS A 348 25.04 11.79 -2.09
C LYS A 348 25.79 10.90 -1.09
N ASN A 349 26.02 11.34 0.16
CA ASN A 349 26.70 10.51 1.16
C ASN A 349 25.98 10.25 2.51
N GLY A 350 26.67 9.58 3.43
CA GLY A 350 26.10 9.27 4.74
C GLY A 350 27.05 8.48 5.64
N GLU A 384 23.31 18.08 1.91
CA GLU A 384 22.01 18.75 1.90
C GLU A 384 21.55 18.98 0.48
N GLU A 385 22.54 18.96 -0.39
CA GLU A 385 22.19 19.16 -1.77
C GLU A 385 21.81 17.73 -2.09
N GLN A 386 20.54 17.58 -2.44
CA GLN A 386 19.95 16.31 -2.80
C GLN A 386 20.14 16.04 -4.28
N THR A 387 20.50 14.80 -4.59
CA THR A 387 20.75 14.46 -5.97
C THR A 387 19.75 13.42 -6.43
N MET A 388 19.69 13.32 -7.75
CA MET A 388 18.84 12.42 -8.48
C MET A 388 19.61 11.35 -9.25
N GLU A 389 19.30 10.08 -9.05
CA GLU A 389 20.00 9.03 -9.82
C GLU A 389 18.94 8.13 -10.43
N VAL A 390 19.06 7.75 -11.69
CA VAL A 390 18.06 6.83 -12.27
C VAL A 390 18.89 5.59 -12.64
N PHE A 391 18.73 4.50 -11.91
CA PHE A 391 19.54 3.31 -12.18
C PHE A 391 18.78 2.28 -12.98
N HIS A 392 19.32 1.93 -14.14
CA HIS A 392 18.73 0.96 -15.03
C HIS A 392 19.75 0.28 -15.91
N LEU A 393 19.69 -1.05 -15.89
CA LEU A 393 20.57 -1.91 -16.71
C LEU A 393 19.94 -2.14 -18.05
N ARG A 394 20.70 -1.86 -19.10
CA ARG A 394 20.10 -2.07 -20.38
C ARG A 394 20.13 -3.56 -20.71
N ASN A 395 18.93 -4.02 -21.05
CA ASN A 395 18.69 -5.39 -21.48
C ASN A 395 19.06 -6.50 -20.53
N TYR A 396 19.18 -6.24 -19.24
CA TYR A 396 19.52 -7.31 -18.32
C TYR A 396 18.52 -8.46 -18.33
N ASN A 397 19.10 -9.66 -18.41
CA ASN A 397 18.36 -10.91 -18.42
C ASN A 397 18.48 -11.20 -16.93
N SER A 398 17.38 -11.03 -16.21
CA SER A 398 17.34 -11.19 -14.75
C SER A 398 17.24 -12.65 -14.37
N VAL A 399 16.36 -13.28 -15.13
CA VAL A 399 16.09 -14.68 -14.93
C VAL A 399 17.29 -15.60 -14.77
N VAL A 400 18.26 -15.46 -15.66
CA VAL A 400 19.43 -16.31 -15.55
C VAL A 400 20.42 -15.52 -14.76
N GLY A 401 20.47 -14.22 -15.06
CA GLY A 401 21.42 -13.33 -14.41
C GLY A 401 21.51 -13.40 -12.88
N ASN A 402 20.33 -13.39 -12.28
CA ASN A 402 20.27 -13.43 -10.82
C ASN A 402 20.71 -14.77 -10.25
N ILE A 403 20.31 -15.88 -10.88
CA ILE A 403 20.72 -17.22 -10.42
C ILE A 403 22.26 -17.37 -10.61
N LEU A 404 22.76 -16.80 -11.69
CA LEU A 404 24.20 -16.88 -11.94
C LEU A 404 24.92 -16.21 -10.78
N ARG A 405 24.42 -15.07 -10.33
CA ARG A 405 25.11 -14.37 -9.25
C ARG A 405 25.25 -15.15 -7.97
N ILE A 406 24.28 -16.04 -7.75
CA ILE A 406 24.34 -16.85 -6.54
C ILE A 406 25.43 -17.90 -6.78
N TYR A 407 25.49 -18.38 -8.00
CA TYR A 407 26.53 -19.38 -8.16
C TYR A 407 27.90 -18.80 -8.01
N GLU A 408 28.07 -17.54 -8.42
CA GLU A 408 29.37 -16.87 -8.30
C GLU A 408 29.70 -16.66 -6.84
N SER A 409 28.66 -16.43 -6.04
CA SER A 409 28.92 -16.27 -4.61
C SER A 409 29.28 -17.59 -3.90
N ILE A 410 28.80 -18.71 -4.44
CA ILE A 410 29.13 -20.00 -3.86
C ILE A 410 30.60 -20.24 -4.17
N ALA A 411 30.93 -19.92 -5.42
CA ALA A 411 32.31 -20.11 -5.87
C ALA A 411 33.31 -19.31 -5.08
N ASP A 412 32.95 -18.03 -4.89
CA ASP A 412 33.82 -17.18 -4.11
C ASP A 412 34.01 -17.88 -2.77
N TYR A 413 32.90 -18.14 -2.11
CA TYR A 413 32.92 -18.82 -0.82
C TYR A 413 33.85 -20.00 -0.86
N HIS A 414 33.75 -20.73 -1.95
CA HIS A 414 34.53 -21.95 -2.02
C HIS A 414 36.00 -21.88 -2.30
N PHE A 415 36.32 -21.08 -3.30
CA PHE A 415 37.69 -20.97 -3.73
C PHE A 415 38.41 -19.90 -2.96
N LEU A 416 37.73 -18.81 -2.62
CA LEU A 416 38.40 -17.73 -1.92
C LEU A 416 38.13 -17.79 -0.41
N LYS A 435 31.24 -23.67 7.43
CA LYS A 435 29.79 -23.47 7.31
C LYS A 435 29.33 -22.12 7.89
N PHE A 436 28.33 -21.55 7.24
CA PHE A 436 27.75 -20.28 7.70
C PHE A 436 26.24 -20.40 7.96
N ASP A 437 25.78 -19.75 9.01
CA ASP A 437 24.35 -19.89 9.36
C ASP A 437 23.29 -19.38 8.36
N LYS A 438 23.27 -18.08 8.17
CA LYS A 438 22.30 -17.45 7.26
C LYS A 438 23.04 -16.25 6.68
N GLN A 439 22.59 -15.64 5.60
CA GLN A 439 23.30 -14.46 5.06
C GLN A 439 22.69 -13.27 5.85
N GLY A 440 21.45 -13.48 6.25
CA GLY A 440 20.75 -12.40 6.96
C GLY A 440 20.89 -11.11 6.17
N PHE A 441 21.48 -10.04 6.71
CA PHE A 441 21.52 -8.83 5.91
C PHE A 441 22.82 -8.55 5.19
N ARG A 442 23.78 -9.45 5.39
CA ARG A 442 25.04 -9.27 4.69
C ARG A 442 24.91 -9.18 3.19
N PHE A 443 25.82 -8.39 2.65
CA PHE A 443 25.93 -8.22 1.22
C PHE A 443 26.64 -9.49 0.81
N GLU A 444 27.58 -9.94 1.61
CA GLU A 444 28.35 -11.13 1.29
C GLU A 444 27.59 -12.45 1.36
N GLY A 445 28.14 -13.39 0.63
CA GLY A 445 27.56 -14.73 0.60
C GLY A 445 26.25 -14.98 -0.11
N PHE A 446 25.46 -15.91 0.41
CA PHE A 446 24.22 -16.18 -0.27
C PHE A 446 23.26 -16.70 0.77
N PRO A 447 21.97 -16.60 0.54
CA PRO A 447 21.03 -17.06 1.55
C PRO A 447 21.03 -18.60 1.65
N THR A 448 20.75 -19.11 2.84
CA THR A 448 20.77 -20.53 3.13
C THR A 448 19.42 -21.00 3.56
N PHE A 449 19.31 -22.26 3.95
CA PHE A 449 18.06 -22.86 4.39
C PHE A 449 17.58 -22.06 5.59
N LYS A 450 18.50 -21.55 6.40
CA LYS A 450 18.01 -20.76 7.54
C LYS A 450 17.20 -19.51 7.13
N ASP A 451 17.70 -18.79 6.13
CA ASP A 451 17.00 -17.59 5.64
C ASP A 451 15.69 -18.09 5.08
N ALA A 452 15.65 -19.31 4.55
CA ALA A 452 14.43 -19.85 3.99
C ALA A 452 13.46 -20.18 5.12
N ILE A 453 14.01 -20.71 6.18
CA ILE A 453 13.15 -21.00 7.31
C ILE A 453 12.53 -19.72 7.88
N ILE A 454 13.29 -18.64 7.95
CA ILE A 454 12.69 -17.47 8.53
C ILE A 454 11.55 -16.96 7.66
N LEU A 455 11.81 -16.93 6.37
CA LEU A 455 10.72 -16.47 5.49
C LEU A 455 9.52 -17.43 5.62
N HIS A 456 9.77 -18.73 5.73
CA HIS A 456 8.60 -19.59 5.85
C HIS A 456 7.82 -19.21 7.10
N ARG A 457 8.56 -18.80 8.11
CA ARG A 457 7.89 -18.47 9.38
C ARG A 457 7.07 -17.22 9.24
N LEU A 458 7.62 -16.25 8.53
CA LEU A 458 6.91 -15.00 8.33
C LEU A 458 5.61 -15.39 7.61
N ILE A 459 5.77 -16.08 6.50
CA ILE A 459 4.62 -16.51 5.73
C ILE A 459 3.60 -17.34 6.54
N ASP A 460 4.08 -18.23 7.37
CA ASP A 460 3.10 -18.95 8.13
C ASP A 460 2.35 -17.95 8.98
N ALA A 461 3.05 -16.98 9.52
CA ALA A 461 2.38 -16.00 10.34
C ALA A 461 1.35 -15.16 9.58
N VAL A 462 1.57 -15.03 8.29
CA VAL A 462 0.64 -14.21 7.54
C VAL A 462 -0.64 -14.97 7.39
N PHE A 463 -0.57 -16.26 7.09
CA PHE A 463 -1.87 -16.90 6.98
C PHE A 463 -2.58 -16.96 8.32
N ARG A 464 -1.82 -17.14 9.39
CA ARG A 464 -2.47 -17.26 10.71
C ARG A 464 -3.12 -15.94 11.07
N SER A 465 -2.33 -14.89 10.93
CA SER A 465 -2.83 -13.57 11.21
C SER A 465 -4.10 -13.43 10.33
N ASP A 466 -4.11 -13.92 9.11
CA ASP A 466 -5.36 -13.74 8.37
C ASP A 466 -6.32 -14.77 8.93
N LYS A 467 -5.87 -15.95 9.35
CA LYS A 467 -6.89 -16.88 9.87
C LYS A 467 -7.56 -16.40 11.16
N GLU A 468 -6.76 -15.97 12.11
CA GLU A 468 -7.22 -15.51 13.39
C GLU A 468 -7.82 -14.07 13.42
N GLU A 469 -7.55 -13.24 12.41
CA GLU A 469 -8.00 -11.84 12.39
C GLU A 469 -7.32 -10.99 13.46
N LYS A 470 -6.03 -11.15 13.61
CA LYS A 470 -5.28 -10.47 14.63
C LYS A 470 -3.92 -10.04 14.09
N THR A 471 -3.30 -9.04 14.74
CA THR A 471 -1.98 -8.54 14.42
C THR A 471 -1.05 -9.40 15.29
N LEU A 472 -0.08 -10.05 14.66
CA LEU A 472 0.85 -10.91 15.38
C LEU A 472 2.28 -10.46 15.59
N ASP A 473 2.80 -10.95 16.69
CA ASP A 473 4.16 -10.62 16.92
C ASP A 473 5.01 -11.63 16.19
N VAL A 474 5.93 -11.10 15.40
CA VAL A 474 6.85 -12.03 14.74
C VAL A 474 8.29 -11.78 15.17
N SER A 475 8.41 -10.94 16.21
CA SER A 475 9.67 -10.47 16.76
C SER A 475 10.63 -11.56 17.02
N LYS A 476 10.19 -12.81 16.95
CA LYS A 476 11.26 -13.76 17.26
C LYS A 476 11.48 -14.82 16.24
N ILE A 477 10.85 -14.75 15.09
CA ILE A 477 11.09 -15.84 14.13
C ILE A 477 12.49 -16.03 13.56
N MET A 478 13.33 -15.01 13.75
CA MET A 478 14.71 -14.97 13.27
C MET A 478 15.65 -15.83 14.06
N ILE A 479 15.18 -16.31 15.20
CA ILE A 479 16.05 -17.14 16.00
C ILE A 479 16.34 -18.50 15.40
N HIS B 8 -31.35 25.02 -25.16
CA HIS B 8 -30.45 26.18 -25.10
C HIS B 8 -29.79 26.58 -23.75
N HIS B 9 -28.59 27.19 -23.83
CA HIS B 9 -27.81 27.62 -22.66
C HIS B 9 -28.56 28.59 -21.74
N HIS B 10 -29.07 29.65 -22.34
CA HIS B 10 -29.82 30.64 -21.59
C HIS B 10 -31.33 30.40 -21.62
N SER B 11 -31.73 29.13 -21.57
CA SER B 11 -33.16 28.88 -21.55
C SER B 11 -33.73 29.15 -20.17
N SER B 12 -35.00 29.55 -20.14
CA SER B 12 -35.62 29.83 -18.86
C SER B 12 -35.44 28.65 -17.90
N GLU B 13 -35.51 27.43 -18.44
CA GLU B 13 -35.40 26.27 -17.58
C GLU B 13 -34.07 26.26 -16.86
N ASN B 14 -33.12 27.05 -17.33
CA ASN B 14 -31.85 27.06 -16.64
C ASN B 14 -31.60 28.17 -15.63
N LEU B 15 -32.58 29.02 -15.43
CA LEU B 15 -32.43 30.15 -14.52
C LEU B 15 -31.89 29.80 -13.14
N TYR B 16 -32.52 28.79 -12.54
CA TYR B 16 -32.18 28.40 -11.17
C TYR B 16 -30.72 28.01 -11.16
N PHE B 17 -30.37 27.19 -12.14
CA PHE B 17 -28.98 26.83 -12.15
C PHE B 17 -28.06 27.98 -12.49
N GLN B 18 -28.57 29.04 -13.11
CA GLN B 18 -27.70 30.17 -13.41
C GLN B 18 -27.76 31.08 -12.19
N GLY B 19 -28.40 30.57 -11.16
CA GLY B 19 -28.44 31.43 -10.02
C GLY B 19 -29.60 32.39 -9.98
N HIS B 20 -30.63 32.18 -10.78
CA HIS B 20 -31.76 33.12 -10.71
C HIS B 20 -33.00 32.51 -10.08
N MET B 21 -33.80 33.39 -9.50
CA MET B 21 -35.02 32.98 -8.82
C MET B 21 -36.26 33.73 -9.29
N LEU B 22 -37.32 33.03 -9.73
CA LEU B 22 -38.57 33.66 -10.13
C LEU B 22 -39.25 34.15 -8.88
N ALA B 23 -40.31 34.92 -9.01
CA ALA B 23 -41.00 35.38 -7.81
C ALA B 23 -42.41 34.77 -7.65
N SER B 36 -41.20 31.39 -0.74
CA SER B 36 -40.52 30.11 -1.02
C SER B 36 -39.20 30.56 -1.63
N SER B 37 -39.30 31.02 -2.87
CA SER B 37 -38.20 31.54 -3.62
C SER B 37 -37.39 32.53 -2.83
N ARG B 38 -37.80 32.87 -1.60
CA ARG B 38 -36.95 33.79 -0.84
C ARG B 38 -35.58 33.12 -0.44
N PRO B 39 -34.46 33.85 -0.29
CA PRO B 39 -33.27 33.07 0.06
C PRO B 39 -33.46 32.47 1.39
N ILE B 40 -32.60 31.46 1.57
CA ILE B 40 -32.53 30.69 2.80
C ILE B 40 -31.73 31.70 3.62
N ARG B 41 -32.25 32.05 4.79
CA ARG B 41 -31.55 33.00 5.66
C ARG B 41 -30.60 32.30 6.64
N VAL B 42 -29.34 32.68 6.54
CA VAL B 42 -28.26 32.09 7.32
C VAL B 42 -27.68 32.92 8.46
N GLY B 43 -27.28 32.18 9.48
CA GLY B 43 -26.70 32.78 10.66
C GLY B 43 -25.46 31.99 10.99
N PHE B 44 -24.34 32.71 11.14
CA PHE B 44 -23.12 32.04 11.44
C PHE B 44 -22.56 32.16 12.83
N VAL B 45 -21.86 31.11 13.17
CA VAL B 45 -21.10 31.03 14.40
C VAL B 45 -19.71 30.75 13.81
N GLY B 46 -18.75 31.56 14.24
CA GLY B 46 -17.39 31.41 13.77
C GLY B 46 -17.06 32.45 12.71
N LEU B 47 -18.02 33.30 12.33
CA LEU B 47 -17.72 34.34 11.34
C LEU B 47 -17.17 35.55 12.13
N THR B 48 -16.05 35.30 12.80
CA THR B 48 -15.27 36.16 13.70
C THR B 48 -14.73 37.54 13.31
N SER B 49 -14.44 37.69 12.02
CA SER B 49 -13.89 38.90 11.43
C SER B 49 -13.94 38.81 9.91
N GLY B 50 -13.73 39.93 9.22
CA GLY B 50 -13.73 39.99 7.75
C GLY B 50 -12.52 39.29 7.08
N LYS B 51 -11.71 38.62 7.89
CA LYS B 51 -10.54 37.89 7.40
C LYS B 51 -10.45 36.52 8.05
N SER B 52 -11.56 36.03 8.59
CA SER B 52 -11.55 34.71 9.21
C SER B 52 -11.72 33.66 8.11
N TRP B 53 -11.44 32.42 8.47
CA TRP B 53 -11.58 31.34 7.51
C TRP B 53 -12.91 31.41 6.79
N VAL B 54 -13.94 31.52 7.62
CA VAL B 54 -15.32 31.58 7.16
C VAL B 54 -15.52 32.70 6.15
N ALA B 55 -14.85 33.82 6.43
CA ALA B 55 -15.01 34.93 5.52
C ALA B 55 -14.46 34.41 4.22
N LYS B 56 -13.29 33.84 4.42
CA LYS B 56 -12.47 33.31 3.37
C LYS B 56 -13.05 32.16 2.60
N THR B 57 -13.77 31.29 3.29
CA THR B 57 -14.32 30.15 2.61
C THR B 57 -15.82 30.31 2.54
N HIS B 58 -16.57 29.96 3.59
CA HIS B 58 -18.03 30.14 3.51
C HIS B 58 -18.60 31.46 2.98
N PHE B 59 -18.11 32.62 3.40
CA PHE B 59 -18.74 33.83 2.86
C PHE B 59 -18.78 34.08 1.34
N LEU B 60 -17.62 33.83 0.75
CA LEU B 60 -17.39 34.00 -0.66
C LEU B 60 -18.37 33.14 -1.43
N ALA B 61 -18.45 31.92 -0.95
CA ALA B 61 -19.36 30.95 -1.56
C ALA B 61 -20.79 31.44 -1.48
N ILE B 62 -21.18 31.75 -0.25
CA ILE B 62 -22.54 32.21 -0.07
C ILE B 62 -22.66 33.47 -0.88
N GLN B 63 -21.54 34.18 -0.90
CA GLN B 63 -21.53 35.41 -1.63
C GLN B 63 -21.90 35.21 -3.10
N GLN B 64 -21.44 34.13 -3.73
CA GLN B 64 -21.79 33.85 -5.13
C GLN B 64 -23.20 33.21 -5.39
N LEU B 65 -23.90 32.82 -4.32
CA LEU B 65 -25.23 32.20 -4.38
C LEU B 65 -26.31 33.14 -3.81
N SER B 66 -26.19 34.42 -4.17
CA SER B 66 -27.04 35.48 -3.66
C SER B 66 -28.56 35.31 -3.69
N SER B 67 -29.02 34.53 -4.65
CA SER B 67 -30.46 34.37 -4.79
C SER B 67 -30.94 33.22 -3.92
N GLN B 68 -29.97 32.43 -3.47
CA GLN B 68 -30.29 31.26 -2.65
C GLN B 68 -30.09 31.46 -1.18
N PHE B 69 -28.99 32.11 -0.87
CA PHE B 69 -28.69 32.34 0.55
C PHE B 69 -28.46 33.83 0.81
N GLN B 70 -28.86 34.29 1.99
CA GLN B 70 -28.67 35.65 2.50
C GLN B 70 -28.32 35.45 3.97
N ILE B 71 -27.29 36.11 4.52
CA ILE B 71 -26.86 36.07 5.94
C ILE B 71 -27.61 37.12 6.79
N VAL B 72 -28.39 36.67 7.75
CA VAL B 72 -29.19 37.61 8.53
C VAL B 72 -28.65 37.72 9.91
N ALA B 73 -27.67 36.89 10.22
CA ALA B 73 -27.15 36.97 11.56
C ALA B 73 -25.74 36.47 11.76
N LEU B 74 -25.03 37.13 12.68
CA LEU B 74 -23.68 36.77 13.10
C LEU B 74 -23.65 36.59 14.62
N TYR B 75 -23.04 35.53 15.14
CA TYR B 75 -22.99 35.43 16.58
C TYR B 75 -21.54 35.72 16.92
N ASN B 76 -21.29 36.67 17.79
CA ASN B 76 -19.91 36.90 18.15
C ASN B 76 -19.87 37.25 19.63
N PRO B 77 -18.81 36.94 20.37
CA PRO B 77 -18.79 37.26 21.80
C PRO B 77 -19.09 38.74 22.01
N THR B 78 -18.73 39.60 21.06
CA THR B 78 -19.02 41.06 21.14
C THR B 78 -19.83 41.65 19.98
N LEU B 79 -20.57 42.70 20.30
CA LEU B 79 -21.38 43.32 19.27
C LEU B 79 -20.42 44.05 18.35
N LYS B 80 -19.27 44.43 18.92
CA LYS B 80 -18.19 45.14 18.20
C LYS B 80 -17.78 44.30 17.00
N SER B 81 -17.09 43.18 17.28
CA SER B 81 -16.61 42.21 16.27
C SER B 81 -17.61 41.95 15.14
N SER B 82 -18.88 41.83 15.52
CA SER B 82 -19.95 41.59 14.56
C SER B 82 -20.35 42.87 13.82
N LEU B 83 -20.11 44.02 14.43
CA LEU B 83 -20.50 45.19 13.64
C LEU B 83 -19.46 45.51 12.56
N GLN B 84 -18.21 45.36 12.92
CA GLN B 84 -17.08 45.57 12.06
C GLN B 84 -17.34 44.62 10.89
N THR B 85 -17.36 43.33 11.14
CA THR B 85 -17.62 42.38 10.05
C THR B 85 -18.73 42.66 9.05
N ILE B 86 -19.86 43.09 9.59
CA ILE B 86 -21.04 43.38 8.76
C ILE B 86 -20.83 44.50 7.76
N GLU B 87 -19.96 45.41 8.17
CA GLU B 87 -19.58 46.58 7.41
C GLU B 87 -18.59 46.02 6.34
N GLN B 88 -17.47 45.47 6.81
CA GLN B 88 -16.51 44.94 5.86
C GLN B 88 -17.19 44.06 4.83
N LEU B 89 -17.75 42.93 5.24
CA LEU B 89 -18.40 42.09 4.26
C LEU B 89 -19.62 42.79 3.71
N GLN B 90 -19.85 43.97 4.25
CA GLN B 90 -20.98 44.74 3.78
C GLN B 90 -22.23 43.92 3.88
N LEU B 91 -22.63 43.50 5.07
CA LEU B 91 -23.86 42.71 5.17
C LEU B 91 -25.21 43.42 5.39
N LYS B 92 -26.01 43.47 4.32
CA LYS B 92 -27.32 44.12 4.32
C LYS B 92 -28.40 43.63 5.23
N HIS B 93 -28.50 42.33 5.38
CA HIS B 93 -29.55 41.84 6.23
C HIS B 93 -29.10 41.17 7.50
N ALA B 94 -27.85 41.41 7.91
CA ALA B 94 -27.32 40.79 9.11
C ALA B 94 -27.56 41.59 10.35
N THR B 95 -27.64 40.86 11.44
CA THR B 95 -27.79 41.53 12.70
C THR B 95 -26.88 40.69 13.53
N GLY B 96 -26.18 41.36 14.42
CA GLY B 96 -25.26 40.65 15.32
C GLY B 96 -25.88 40.27 16.67
N PHE B 97 -25.33 39.19 17.25
CA PHE B 97 -25.67 38.61 18.55
C PHE B 97 -24.43 38.35 19.38
N ASP B 98 -24.67 38.68 20.63
CA ASP B 98 -23.82 38.65 21.81
C ASP B 98 -23.99 37.28 22.48
N SER B 99 -25.10 36.59 22.25
CA SER B 99 -25.32 35.32 22.92
C SER B 99 -25.82 34.20 22.03
N LEU B 100 -25.18 33.05 22.17
CA LEU B 100 -25.57 31.94 21.35
C LEU B 100 -27.04 31.72 21.53
N GLU B 101 -27.40 31.76 22.81
CA GLU B 101 -28.78 31.57 23.18
C GLU B 101 -29.67 32.48 22.31
N SER B 102 -29.46 33.80 22.40
CA SER B 102 -30.28 34.76 21.66
C SER B 102 -30.21 34.43 20.19
N PHE B 103 -28.98 34.23 19.78
CA PHE B 103 -28.68 33.92 18.42
C PHE B 103 -29.54 32.73 18.08
N ALA B 104 -29.36 31.63 18.81
CA ALA B 104 -30.13 30.42 18.55
C ALA B 104 -31.64 30.70 18.41
N GLN B 105 -32.14 31.73 19.11
CA GLN B 105 -33.58 31.99 19.01
C GLN B 105 -34.13 32.95 18.02
N TYR B 106 -33.27 33.60 17.26
CA TYR B 106 -33.80 34.53 16.28
C TYR B 106 -34.68 33.81 15.28
N LYS B 107 -35.98 34.06 15.30
CA LYS B 107 -36.90 33.41 14.35
C LYS B 107 -36.68 33.61 12.86
N ASP B 108 -35.81 34.54 12.51
CA ASP B 108 -35.54 34.74 11.09
C ASP B 108 -34.47 33.81 10.50
N ILE B 109 -33.88 32.94 11.30
CA ILE B 109 -32.86 32.03 10.78
C ILE B 109 -33.41 30.71 10.28
N ASP B 110 -33.09 30.41 9.03
CA ASP B 110 -33.53 29.13 8.48
C ASP B 110 -32.44 28.08 8.70
N MET B 111 -31.21 28.55 8.57
CA MET B 111 -30.06 27.67 8.67
C MET B 111 -28.98 28.27 9.51
N ILE B 112 -28.37 27.41 10.29
CA ILE B 112 -27.28 27.86 11.10
C ILE B 112 -26.04 27.09 10.71
N VAL B 113 -24.97 27.83 10.51
CA VAL B 113 -23.71 27.22 10.15
C VAL B 113 -22.75 27.52 11.27
N VAL B 114 -22.12 26.45 11.71
CA VAL B 114 -21.13 26.50 12.77
C VAL B 114 -19.76 26.15 12.25
N SER B 115 -18.91 27.15 12.41
CA SER B 115 -17.52 27.02 12.01
C SER B 115 -16.66 27.49 13.18
N VAL B 116 -16.29 26.54 14.04
CA VAL B 116 -15.47 26.78 15.23
C VAL B 116 -14.66 25.52 15.35
N LYS B 117 -13.53 25.59 16.04
CA LYS B 117 -12.72 24.39 16.12
C LYS B 117 -13.41 23.26 16.85
N VAL B 118 -13.10 22.07 16.38
CA VAL B 118 -13.72 20.85 16.85
C VAL B 118 -13.91 20.62 18.37
N PRO B 119 -12.83 20.92 19.06
CA PRO B 119 -12.76 20.76 20.51
C PRO B 119 -14.01 21.48 20.99
N GLU B 120 -14.23 22.65 20.42
CA GLU B 120 -15.44 23.42 20.73
C GLU B 120 -16.77 22.97 20.11
N HIS B 121 -16.77 22.10 19.11
CA HIS B 121 -18.08 21.78 18.53
C HIS B 121 -19.13 21.28 19.47
N TYR B 122 -18.60 20.51 20.40
CA TYR B 122 -19.53 19.87 21.29
C TYR B 122 -20.41 20.81 22.05
N GLU B 123 -19.75 21.74 22.72
CA GLU B 123 -20.57 22.66 23.50
C GLU B 123 -21.50 23.43 22.58
N VAL B 124 -20.90 24.33 21.83
CA VAL B 124 -21.70 25.10 20.90
C VAL B 124 -22.88 24.40 20.25
N VAL B 125 -22.56 23.26 19.68
CA VAL B 125 -23.68 22.65 19.00
C VAL B 125 -24.84 22.30 19.88
N LYS B 126 -24.44 21.66 20.98
CA LYS B 126 -25.31 21.13 22.02
C LYS B 126 -26.06 22.38 22.48
N ASN B 127 -25.38 23.49 22.69
CA ASN B 127 -26.16 24.65 23.06
C ASN B 127 -27.16 25.09 21.98
N ILE B 128 -26.73 25.19 20.72
CA ILE B 128 -27.66 25.62 19.66
C ILE B 128 -28.87 24.75 19.59
N LEU B 129 -28.63 23.46 19.70
CA LEU B 129 -29.78 22.60 19.66
C LEU B 129 -30.73 22.98 20.75
N GLU B 130 -30.20 23.10 21.96
CA GLU B 130 -30.99 23.40 23.14
C GLU B 130 -31.83 24.68 23.10
N HIS B 131 -31.25 25.71 22.51
CA HIS B 131 -31.93 27.00 22.41
C HIS B 131 -32.65 27.30 21.10
N SER B 132 -32.89 26.28 20.27
CA SER B 132 -33.53 26.51 18.99
C SER B 132 -34.88 25.86 18.98
N SER B 133 -35.09 24.98 19.95
CA SER B 133 -36.37 24.29 20.11
C SER B 133 -37.56 25.27 19.93
N GLN B 134 -37.34 26.55 20.27
CA GLN B 134 -38.40 27.54 20.14
C GLN B 134 -38.60 27.93 18.68
N ASN B 135 -37.46 28.01 18.01
CA ASN B 135 -37.36 28.39 16.62
C ASN B 135 -37.77 27.32 15.61
N LEU B 136 -38.94 27.55 15.02
CA LEU B 136 -39.55 26.69 14.01
C LEU B 136 -39.05 27.01 12.58
N ASN B 137 -38.50 28.20 12.34
CA ASN B 137 -38.01 28.52 11.00
C ASN B 137 -36.76 27.72 10.71
N LEU B 138 -35.98 27.55 11.76
CA LEU B 138 -34.70 26.87 11.67
C LEU B 138 -34.89 25.49 11.15
N ARG B 139 -34.52 25.23 9.90
CA ARG B 139 -34.67 23.91 9.27
C ARG B 139 -33.36 23.20 8.98
N TYR B 140 -32.26 23.97 9.09
CA TYR B 140 -30.92 23.49 8.85
C TYR B 140 -29.86 23.87 9.84
N LEU B 141 -29.12 22.83 10.20
CA LEU B 141 -27.97 22.90 11.07
C LEU B 141 -26.80 22.20 10.36
N TYR B 142 -25.84 23.07 10.09
CA TYR B 142 -24.62 22.78 9.36
C TYR B 142 -23.34 22.87 10.17
N VAL B 143 -22.60 21.78 10.14
CA VAL B 143 -21.34 21.75 10.88
C VAL B 143 -20.19 21.17 10.06
N GLU B 144 -18.97 21.65 10.28
CA GLU B 144 -17.88 21.11 9.48
C GLU B 144 -17.27 19.83 10.04
N TRP B 145 -16.71 18.95 9.21
CA TRP B 145 -16.06 17.75 9.72
C TRP B 145 -14.80 18.16 10.50
N ALA B 146 -14.43 17.54 11.63
CA ALA B 146 -15.20 16.46 12.20
C ALA B 146 -16.38 17.03 13.00
N LEU B 147 -17.38 16.20 13.16
CA LEU B 147 -18.57 16.61 13.87
C LEU B 147 -18.23 16.93 15.33
N ALA B 148 -17.56 16.04 16.06
CA ALA B 148 -17.23 16.34 17.45
C ALA B 148 -15.78 15.91 17.65
N ALA B 149 -15.21 16.10 18.84
CA ALA B 149 -13.84 15.69 19.15
C ALA B 149 -13.69 14.20 19.49
N SER B 150 -14.76 13.59 19.96
CA SER B 150 -14.70 12.17 20.32
C SER B 150 -15.95 11.49 19.78
N VAL B 151 -15.94 10.17 19.69
CA VAL B 151 -17.10 9.46 19.17
C VAL B 151 -18.29 9.71 20.09
N GLN B 152 -17.93 9.78 21.38
CA GLN B 152 -18.89 9.97 22.46
C GLN B 152 -19.69 11.21 22.11
N GLN B 153 -19.04 12.36 22.22
CA GLN B 153 -19.63 13.64 21.90
C GLN B 153 -20.53 13.57 20.66
N ALA B 154 -19.92 13.11 19.58
CA ALA B 154 -20.68 13.05 18.36
C ALA B 154 -21.94 12.17 18.41
N GLU B 155 -21.84 11.05 19.12
CA GLU B 155 -23.08 10.25 19.12
C GLU B 155 -24.16 11.04 19.83
N GLU B 156 -23.69 11.88 20.73
CA GLU B 156 -24.61 12.68 21.51
C GLU B 156 -25.28 13.73 20.67
N LEU B 157 -24.50 14.57 20.00
CA LEU B 157 -25.08 15.58 19.11
C LEU B 157 -25.98 14.86 18.13
N TYR B 158 -25.54 13.69 17.67
CA TYR B 158 -26.36 12.95 16.74
C TYR B 158 -27.75 12.64 17.35
N SER B 159 -27.74 11.99 18.52
CA SER B 159 -28.97 11.58 19.17
C SER B 159 -29.97 12.67 19.49
N ILE B 160 -29.43 13.82 19.89
CA ILE B 160 -30.17 15.03 20.25
C ILE B 160 -30.82 15.61 19.00
N SER B 161 -30.12 15.55 17.87
CA SER B 161 -30.59 16.08 16.58
C SER B 161 -31.70 15.18 16.03
N GLN B 162 -31.52 13.89 16.30
CA GLN B 162 -32.47 12.88 15.85
C GLN B 162 -33.84 13.19 16.42
N GLN B 163 -33.78 13.75 17.62
CA GLN B 163 -34.86 14.21 18.50
C GLN B 163 -35.61 15.25 17.70
N ARG B 164 -34.88 16.02 16.89
CA ARG B 164 -35.54 17.08 16.11
C ARG B 164 -36.03 16.79 14.67
N ALA B 165 -37.30 16.45 14.64
CA ALA B 165 -38.08 16.03 13.49
C ALA B 165 -38.04 16.83 12.21
N ASN B 166 -38.04 18.13 12.42
CA ASN B 166 -38.08 18.98 11.26
C ASN B 166 -36.79 19.73 10.98
N LEU B 167 -35.73 19.34 11.68
CA LEU B 167 -34.45 19.99 11.53
C LEU B 167 -33.52 19.13 10.72
N GLN B 168 -33.03 19.66 9.60
CA GLN B 168 -32.10 18.92 8.74
C GLN B 168 -30.64 19.19 9.07
N THR B 169 -29.87 18.13 9.23
CA THR B 169 -28.50 18.43 9.59
C THR B 169 -27.58 18.27 8.40
N ILE B 170 -26.43 18.91 8.45
CA ILE B 170 -25.50 18.77 7.35
C ILE B 170 -24.12 18.71 7.96
N ILE B 171 -23.22 17.93 7.36
CA ILE B 171 -21.83 17.87 7.81
C ILE B 171 -21.01 18.26 6.58
N CYS B 172 -19.95 19.04 6.75
CA CYS B 172 -19.21 19.41 5.57
C CYS B 172 -18.10 18.40 5.24
N LEU B 173 -18.36 17.43 4.37
CA LEU B 173 -17.37 16.44 3.91
C LEU B 173 -17.32 16.91 2.46
N GLN B 174 -16.79 18.13 2.24
CA GLN B 174 -16.84 18.70 0.90
C GLN B 174 -16.08 17.89 -0.10
N GLY B 175 -15.25 16.97 0.36
CA GLY B 175 -14.55 16.21 -0.65
C GLY B 175 -15.54 15.45 -1.53
N ARG B 176 -16.75 15.19 -1.01
CA ARG B 176 -17.76 14.46 -1.79
C ARG B 176 -18.30 15.25 -2.99
N LYS B 177 -18.02 16.56 -3.02
CA LYS B 177 -18.41 17.47 -4.08
C LYS B 177 -17.17 17.77 -4.95
N SER B 178 -16.05 17.11 -4.72
CA SER B 178 -14.95 17.44 -5.62
C SER B 178 -15.27 16.90 -7.03
N PRO B 179 -15.05 17.74 -8.03
CA PRO B 179 -15.26 17.35 -9.41
C PRO B 179 -14.50 16.05 -9.66
N TYR B 180 -13.35 15.95 -9.04
CA TYR B 180 -12.59 14.73 -9.30
C TYR B 180 -13.28 13.46 -8.78
N ILE B 181 -13.85 13.61 -7.61
CA ILE B 181 -14.47 12.46 -6.99
C ILE B 181 -15.77 12.16 -7.73
N VAL B 182 -16.43 13.24 -8.06
CA VAL B 182 -17.68 13.00 -8.74
C VAL B 182 -17.40 12.19 -10.00
N ARG B 183 -16.42 12.68 -10.73
CA ARG B 183 -16.11 12.05 -11.99
C ARG B 183 -15.74 10.61 -11.73
N ALA B 184 -14.92 10.37 -10.72
CA ALA B 184 -14.52 8.98 -10.43
C ALA B 184 -15.69 8.06 -10.20
N LYS B 185 -16.54 8.60 -9.35
CA LYS B 185 -17.72 7.86 -9.00
C LYS B 185 -18.59 7.68 -10.24
N GLU B 186 -18.61 8.64 -11.17
CA GLU B 186 -19.45 8.41 -12.32
C GLU B 186 -18.86 7.23 -13.07
N LEU B 187 -17.59 7.27 -13.41
CA LEU B 187 -17.06 6.15 -14.17
C LEU B 187 -17.21 4.83 -13.43
N ILE B 188 -16.95 4.88 -12.13
CA ILE B 188 -17.05 3.63 -11.36
C ILE B 188 -18.47 3.11 -11.43
N SER B 189 -19.40 4.02 -11.14
CA SER B 189 -20.83 3.74 -11.08
C SER B 189 -21.43 3.33 -12.42
N GLU B 190 -20.87 3.85 -13.50
CA GLU B 190 -21.33 3.51 -14.84
C GLU B 190 -20.72 2.25 -15.43
N GLY B 191 -19.85 1.58 -14.66
CA GLY B 191 -19.22 0.32 -15.07
C GLY B 191 -18.02 0.45 -15.97
N CYS B 192 -17.49 1.66 -16.05
CA CYS B 192 -16.34 1.83 -16.91
C CYS B 192 -15.07 1.14 -16.52
N ILE B 193 -15.02 0.43 -15.39
CA ILE B 193 -13.77 -0.28 -15.05
C ILE B 193 -14.20 -1.67 -14.62
N GLY B 194 -15.47 -1.91 -14.89
CA GLY B 194 -16.03 -3.19 -14.51
C GLY B 194 -16.18 -3.32 -13.00
N ASP B 195 -15.72 -4.45 -12.48
CA ASP B 195 -15.85 -4.69 -11.06
C ASP B 195 -14.54 -4.21 -10.46
N ILE B 196 -14.66 -3.77 -9.21
CA ILE B 196 -13.46 -3.30 -8.55
C ILE B 196 -12.70 -4.50 -8.04
N ASN B 197 -11.42 -4.50 -8.35
CA ASN B 197 -10.70 -5.65 -7.91
C ASN B 197 -9.86 -5.35 -6.69
N SER B 198 -9.16 -4.22 -6.66
CA SER B 198 -8.28 -3.91 -5.51
C SER B 198 -8.10 -2.41 -5.54
N ILE B 199 -7.84 -1.87 -4.36
CA ILE B 199 -7.65 -0.45 -4.25
C ILE B 199 -6.47 -0.12 -3.38
N GLU B 200 -5.75 0.92 -3.76
CA GLU B 200 -4.58 1.38 -2.99
C GLU B 200 -4.67 2.87 -2.77
N ILE B 201 -4.37 3.33 -1.57
CA ILE B 201 -4.42 4.74 -1.21
C ILE B 201 -3.20 5.15 -0.43
N SER B 202 -2.74 6.37 -0.72
CA SER B 202 -1.62 7.06 -0.07
C SER B 202 -2.11 8.50 0.21
N GLY B 203 -1.77 9.05 1.38
CA GLY B 203 -2.20 10.41 1.67
C GLY B 203 -1.14 10.95 2.60
N ASN B 204 -1.18 12.24 2.90
CA ASN B 204 -0.19 12.83 3.78
C ASN B 204 -0.85 13.82 4.69
N GLY B 205 -0.67 13.73 5.99
CA GLY B 205 -1.36 14.71 6.83
C GLY B 205 -0.90 16.17 6.95
N GLY B 206 0.16 16.55 6.25
CA GLY B 206 0.67 17.90 6.33
C GLY B 206 1.47 18.31 7.59
N TRP B 207 0.75 18.58 8.67
CA TRP B 207 1.29 19.03 9.94
C TRP B 207 1.98 17.99 10.78
N TYR B 208 1.94 16.74 10.35
CA TYR B 208 2.53 15.78 11.26
C TYR B 208 3.82 15.05 11.00
N GLY B 209 4.71 15.71 10.29
CA GLY B 209 5.98 15.12 9.98
C GLY B 209 7.12 15.63 10.84
N TYR B 210 8.28 15.79 10.23
CA TYR B 210 9.39 16.21 11.03
C TYR B 210 9.35 17.71 11.28
N GLU B 211 8.42 18.40 10.65
CA GLU B 211 8.35 19.85 10.86
C GLU B 211 6.99 20.41 11.11
N ARG B 212 6.95 21.43 11.97
CA ARG B 212 5.70 22.10 12.31
C ARG B 212 5.77 23.53 11.79
N PRO B 213 4.65 23.96 11.24
CA PRO B 213 4.53 25.30 10.73
C PRO B 213 4.37 26.21 11.93
N MET B 214 4.96 27.38 11.69
CA MET B 214 4.99 28.46 12.65
C MET B 214 3.58 28.76 13.16
N ARG B 215 3.51 28.82 14.48
CA ARG B 215 2.24 29.13 15.10
C ARG B 215 1.09 28.29 14.62
N SER B 216 1.03 27.08 15.14
CA SER B 216 -0.07 26.26 14.73
C SER B 216 -0.74 26.03 16.07
N PRO B 217 -2.07 26.03 16.04
CA PRO B 217 -2.80 25.79 17.27
C PRO B 217 -2.27 24.49 17.86
N GLU B 218 -1.69 24.63 19.02
CA GLU B 218 -1.18 23.48 19.71
C GLU B 218 -2.32 22.47 19.71
N TYR B 219 -3.59 22.84 19.56
CA TYR B 219 -4.53 21.73 19.62
C TYR B 219 -4.45 20.60 18.57
N LEU B 220 -3.95 21.02 17.43
CA LEU B 220 -3.79 20.06 16.37
C LEU B 220 -2.74 19.04 16.80
N TYR B 221 -1.81 19.46 17.65
CA TYR B 221 -0.78 18.52 18.06
C TYR B 221 -0.99 17.63 19.23
N ASP B 222 -2.17 17.80 19.84
CA ASP B 222 -2.56 17.05 21.03
C ASP B 222 -3.45 15.82 20.86
N ILE B 223 -2.98 14.73 21.44
CA ILE B 223 -3.71 13.50 21.27
C ILE B 223 -5.14 13.51 21.78
N GLU B 224 -5.36 14.28 22.83
CA GLU B 224 -6.73 14.36 23.36
C GLU B 224 -7.69 15.34 22.69
N SER B 225 -7.17 16.21 21.84
CA SER B 225 -8.03 17.14 21.11
C SER B 225 -9.07 16.35 20.32
N GLY B 226 -8.67 15.21 19.74
CA GLY B 226 -9.58 14.44 18.90
C GLY B 226 -9.35 14.82 17.40
N VAL B 227 -8.41 15.75 17.18
CA VAL B 227 -8.02 16.22 15.83
C VAL B 227 -6.59 15.73 15.51
N ASN B 228 -6.45 14.82 14.55
CA ASN B 228 -5.16 14.28 14.22
C ASN B 228 -5.17 13.69 12.82
N LEU B 229 -4.03 13.14 12.48
CA LEU B 229 -3.86 12.55 11.16
C LEU B 229 -5.03 11.65 10.84
N ILE B 230 -5.36 10.89 11.86
CA ILE B 230 -6.41 9.96 11.63
C ILE B 230 -7.78 10.57 11.56
N SER B 231 -8.22 11.32 12.56
CA SER B 231 -9.58 11.87 12.50
C SER B 231 -9.83 12.90 11.41
N ASN B 232 -8.80 13.51 10.87
CA ASN B 232 -9.18 14.47 9.87
C ASN B 232 -8.85 14.11 8.44
N SER B 233 -7.54 14.02 8.20
CA SER B 233 -7.09 13.70 6.85
C SER B 233 -7.48 12.33 6.31
N PHE B 234 -7.22 11.29 7.08
CA PHE B 234 -7.54 9.97 6.60
C PHE B 234 -9.06 9.87 6.51
N GLY B 235 -9.67 10.54 7.47
CA GLY B 235 -11.12 10.60 7.65
C GLY B 235 -11.85 11.15 6.43
N HIS B 236 -11.45 12.33 6.04
CA HIS B 236 -12.08 12.88 4.84
C HIS B 236 -11.75 11.90 3.73
N THR B 237 -10.53 11.41 3.75
CA THR B 237 -10.11 10.48 2.70
C THR B 237 -10.78 9.17 2.47
N ILE B 238 -10.87 8.36 3.53
CA ILE B 238 -11.51 7.05 3.42
C ILE B 238 -13.01 7.27 3.19
N ASP B 239 -13.50 8.41 3.67
CA ASP B 239 -14.94 8.64 3.52
C ASP B 239 -15.24 8.76 2.03
N VAL B 240 -14.37 9.49 1.36
CA VAL B 240 -14.53 9.73 -0.08
C VAL B 240 -14.30 8.42 -0.80
N LEU B 241 -13.41 7.64 -0.23
CA LEU B 241 -13.16 6.39 -0.91
C LEU B 241 -14.43 5.57 -0.89
N GLN B 242 -14.99 5.49 0.28
CA GLN B 242 -16.18 4.69 0.42
C GLN B 242 -17.23 5.26 -0.47
N TYR B 243 -17.32 6.59 -0.44
CA TYR B 243 -18.34 7.25 -1.29
C TYR B 243 -18.18 6.86 -2.76
N ILE B 244 -16.99 6.98 -3.28
CA ILE B 244 -16.77 6.70 -4.69
C ILE B 244 -17.04 5.25 -5.05
N THR B 245 -16.69 4.36 -4.12
CA THR B 245 -16.88 2.94 -4.40
C THR B 245 -18.30 2.46 -4.09
N GLY B 246 -19.06 3.22 -3.33
CA GLY B 246 -20.38 2.71 -3.10
C GLY B 246 -20.40 1.66 -2.01
N SER B 247 -19.31 1.53 -1.30
CA SER B 247 -19.39 0.58 -0.25
C SER B 247 -18.86 1.05 1.08
N TYR B 248 -19.30 0.43 2.18
CA TYR B 248 -18.81 0.65 3.54
C TYR B 248 -17.84 -0.55 3.79
N PHE B 249 -16.99 -0.46 4.79
CA PHE B 249 -16.07 -1.54 5.13
C PHE B 249 -16.77 -2.63 5.93
N GLN B 250 -16.19 -3.81 5.85
CA GLN B 250 -16.78 -4.85 6.65
C GLN B 250 -15.83 -5.23 7.77
N LYS B 251 -14.54 -5.14 7.48
CA LYS B 251 -13.48 -5.54 8.38
C LYS B 251 -12.31 -4.60 8.24
N ILE B 252 -11.59 -4.31 9.30
CA ILE B 252 -10.44 -3.46 9.10
C ILE B 252 -9.35 -3.80 10.12
N ASN B 253 -8.20 -3.26 9.79
CA ASN B 253 -7.08 -3.36 10.71
C ASN B 253 -6.17 -2.16 10.46
N ALA B 254 -5.70 -1.58 11.56
CA ALA B 254 -4.76 -0.44 11.61
C ALA B 254 -3.54 -0.61 12.53
N MET B 255 -2.52 0.18 12.21
CA MET B 255 -1.30 0.30 12.98
C MET B 255 -0.97 1.80 12.87
N ILE B 256 -0.90 2.46 14.03
CA ILE B 256 -0.61 3.90 14.09
C ILE B 256 0.76 4.07 14.74
N SER B 257 1.55 4.99 14.22
CA SER B 257 2.89 5.19 14.73
C SER B 257 3.11 6.56 15.34
N ASN B 258 4.17 6.64 16.14
CA ASN B 258 4.59 7.91 16.73
C ASN B 258 6.10 7.88 16.72
N ASN B 259 6.71 7.80 15.54
CA ASN B 259 8.16 7.78 15.47
C ASN B 259 8.79 9.17 15.48
N ILE B 260 7.93 10.19 15.48
CA ILE B 260 8.45 11.55 15.49
C ILE B 260 7.84 12.27 16.66
N PRO B 261 8.45 12.12 17.83
CA PRO B 261 7.94 12.71 19.08
C PRO B 261 8.12 14.24 19.26
N THR B 262 9.13 14.80 18.59
CA THR B 262 9.42 16.23 18.64
C THR B 262 9.69 16.75 17.22
N GLN B 263 9.10 17.90 16.94
CA GLN B 263 9.26 18.47 15.62
C GLN B 263 10.20 19.67 15.60
N PHE B 264 10.60 20.04 14.40
CA PHE B 264 11.44 21.20 14.32
C PHE B 264 10.52 22.24 13.76
N LEU B 265 10.51 23.42 14.35
CA LEU B 265 9.65 24.45 13.82
C LEU B 265 10.35 25.22 12.70
N LEU B 266 9.56 25.90 11.87
CA LEU B 266 10.10 26.74 10.80
C LEU B 266 9.38 28.08 10.88
N ASP B 267 9.74 29.07 10.07
CA ASP B 267 9.05 30.37 10.23
C ASP B 267 9.03 31.37 9.10
N GLU B 268 9.87 31.23 8.10
CA GLU B 268 9.77 32.28 7.12
C GLU B 268 9.59 31.47 5.88
N ASN B 269 10.18 30.29 6.06
CA ASN B 269 10.26 29.24 5.08
C ASN B 269 9.63 28.07 5.82
N ARG B 272 13.30 26.38 8.29
CA ARG B 272 13.56 25.50 9.44
C ARG B 272 14.61 25.77 10.51
N THR B 273 14.12 25.84 11.75
CA THR B 273 14.88 26.11 12.96
C THR B 273 15.36 24.93 13.76
N LYS B 274 16.14 25.30 14.76
CA LYS B 274 16.69 24.36 15.70
C LYS B 274 15.72 24.25 16.83
N GLU B 275 14.70 25.07 16.85
CA GLU B 275 13.74 24.95 17.92
C GLU B 275 12.87 23.71 17.87
N THR B 276 12.73 23.04 19.00
CA THR B 276 11.95 21.82 19.08
C THR B 276 10.58 21.89 19.72
N ILE B 277 9.73 20.91 19.47
CA ILE B 277 8.39 20.93 20.07
C ILE B 277 7.73 19.58 20.05
N SER B 278 7.27 19.17 21.21
CA SER B 278 6.62 17.88 21.27
C SER B 278 5.32 17.75 20.48
N LYS B 279 5.13 16.53 19.98
CA LYS B 279 3.95 16.15 19.23
C LYS B 279 3.38 14.77 19.64
N THR B 280 2.41 14.88 20.54
CA THR B 280 1.59 13.83 21.12
C THR B 280 0.82 13.13 19.96
N CYS B 281 0.45 13.94 18.99
CA CYS B 281 -0.26 13.39 17.87
C CYS B 281 0.53 12.33 17.12
N PRO B 282 -0.19 11.41 16.48
CA PRO B 282 0.37 10.30 15.68
C PRO B 282 1.03 10.88 14.42
N ASP B 283 2.06 10.23 13.87
CA ASP B 283 2.70 10.75 12.67
C ASP B 283 2.61 9.73 11.50
N HIS B 284 1.92 8.61 11.63
CA HIS B 284 1.77 7.61 10.57
C HIS B 284 0.62 6.61 10.82
N LEU B 285 -0.12 6.32 9.75
CA LEU B 285 -1.25 5.37 9.83
C LEU B 285 -1.26 4.27 8.79
N LEU B 286 -1.35 3.03 9.26
CA LEU B 286 -1.42 1.88 8.32
C LEU B 286 -2.84 1.40 8.52
N PHE B 287 -3.54 1.33 7.40
CA PHE B 287 -4.94 0.90 7.38
C PHE B 287 -5.16 -0.11 6.25
N GLN B 288 -5.83 -1.21 6.54
CA GLN B 288 -6.11 -2.13 5.44
C GLN B 288 -7.46 -2.73 5.80
N GLY B 289 -8.29 -2.96 4.80
CA GLY B 289 -9.60 -3.48 5.11
C GLY B 289 -10.25 -4.02 3.85
N ILE B 290 -11.40 -4.63 4.07
CA ILE B 290 -12.15 -5.24 3.00
C ILE B 290 -13.50 -4.54 2.92
N LEU B 291 -13.82 -3.92 1.79
CA LEU B 291 -15.12 -3.29 1.60
C LEU B 291 -16.13 -4.42 1.46
N GLU B 292 -17.30 -4.18 2.05
CA GLU B 292 -18.42 -5.15 2.08
C GLU B 292 -18.86 -5.60 0.69
N ASN B 293 -19.14 -4.66 -0.19
CA ASN B 293 -19.58 -5.12 -1.49
C ASN B 293 -18.44 -5.75 -2.30
N GLY B 294 -18.50 -7.06 -2.53
CA GLY B 294 -17.47 -7.79 -3.30
C GLY B 294 -16.22 -8.16 -2.49
N LYS B 295 -16.31 -7.88 -1.19
CA LYS B 295 -15.20 -8.10 -0.26
C LYS B 295 -13.97 -7.56 -0.99
N VAL B 296 -14.02 -6.28 -1.37
CA VAL B 296 -12.89 -5.77 -2.13
C VAL B 296 -11.81 -5.24 -1.20
N PRO B 297 -10.56 -5.66 -1.41
CA PRO B 297 -9.38 -5.25 -0.64
C PRO B 297 -8.88 -3.78 -0.84
N VAL B 298 -8.66 -3.08 0.26
CA VAL B 298 -8.17 -1.71 0.20
C VAL B 298 -6.90 -1.59 1.03
N SER B 299 -5.81 -1.01 0.49
CA SER B 299 -4.53 -0.87 1.20
C SER B 299 -4.31 0.64 1.37
N CYS B 300 -3.98 1.09 2.58
CA CYS B 300 -3.79 2.50 2.81
C CYS B 300 -2.56 2.90 3.58
N SER B 301 -1.86 3.89 3.06
CA SER B 301 -0.68 4.39 3.71
C SER B 301 -0.77 5.92 3.89
N PHE B 302 -0.88 6.43 5.12
CA PHE B 302 -0.95 7.90 5.36
C PHE B 302 0.23 8.55 6.17
N LYS B 303 1.07 9.35 5.54
CA LYS B 303 2.22 9.95 6.19
C LYS B 303 1.77 11.18 6.96
N GLY B 304 2.41 11.48 8.08
CA GLY B 304 1.99 12.64 8.85
C GLY B 304 2.21 13.97 8.21
N GLY B 305 3.31 14.12 7.49
CA GLY B 305 3.54 15.43 6.90
C GLY B 305 4.91 15.45 6.22
N THR B 306 5.72 16.45 6.53
CA THR B 306 7.04 16.51 5.90
C THR B 306 7.99 15.53 6.59
N PRO B 307 9.04 15.18 5.86
CA PRO B 307 9.23 15.69 4.51
C PRO B 307 8.32 15.06 3.42
N VAL B 308 7.85 15.80 2.42
CA VAL B 308 7.02 15.09 1.44
C VAL B 308 7.70 14.05 0.54
N LYS B 309 6.93 13.12 -0.02
CA LYS B 309 7.49 12.10 -0.90
C LYS B 309 7.99 12.84 -2.13
N LYS B 310 9.13 12.47 -2.67
CA LYS B 310 9.59 13.23 -3.83
C LYS B 310 9.57 12.48 -5.15
N LEU B 311 9.52 11.16 -5.06
CA LEU B 311 9.51 10.36 -6.28
C LEU B 311 8.09 9.93 -6.61
N THR B 312 7.14 10.40 -5.81
CA THR B 312 5.76 9.97 -6.06
C THR B 312 4.82 11.06 -5.57
N LYS B 313 3.58 11.02 -6.07
CA LYS B 313 2.54 11.96 -5.70
C LYS B 313 2.16 11.65 -4.23
N ASN B 314 1.87 12.67 -3.44
CA ASN B 314 1.56 12.48 -2.03
C ASN B 314 0.12 12.08 -1.78
N LEU B 315 -0.75 12.37 -2.73
CA LEU B 315 -2.12 11.90 -2.55
C LEU B 315 -2.32 10.99 -3.76
N VAL B 316 -2.76 9.74 -3.61
CA VAL B 316 -3.06 8.87 -4.75
C VAL B 316 -4.19 7.99 -4.28
N ILE B 317 -5.20 7.87 -5.13
CA ILE B 317 -6.31 6.96 -4.85
C ILE B 317 -6.30 6.12 -6.16
N ASP B 318 -5.82 4.88 -6.05
CA ASP B 318 -5.64 3.98 -7.20
C ASP B 318 -6.63 2.82 -7.17
N ILE B 319 -7.54 2.87 -8.13
CA ILE B 319 -8.58 1.88 -8.21
C ILE B 319 -8.48 0.97 -9.42
N HIS B 320 -8.38 -0.30 -9.09
CA HIS B 320 -8.19 -1.35 -10.10
C HIS B 320 -9.39 -2.30 -10.28
N GLY B 321 -9.98 -2.21 -11.47
CA GLY B 321 -11.15 -2.95 -11.92
C GLY B 321 -10.74 -4.06 -12.88
N THR B 322 -11.73 -4.90 -13.18
CA THR B 322 -11.56 -6.03 -14.09
C THR B 322 -11.65 -5.52 -15.49
N LYS B 323 -12.23 -4.36 -15.66
CA LYS B 323 -12.36 -3.82 -17.00
C LYS B 323 -11.62 -2.53 -17.26
N GLY B 324 -10.87 -2.05 -16.28
CA GLY B 324 -10.11 -0.81 -16.46
C GLY B 324 -9.59 -0.35 -15.10
N ASP B 325 -8.89 0.78 -15.06
CA ASP B 325 -8.31 1.36 -13.84
C ASP B 325 -8.67 2.83 -13.83
N LEU B 326 -8.62 3.35 -12.62
CA LEU B 326 -8.92 4.76 -12.37
C LEU B 326 -7.93 5.16 -11.29
N LYS B 327 -7.39 6.35 -11.39
CA LYS B 327 -6.41 6.86 -10.43
C LYS B 327 -6.44 8.36 -10.21
N ILE B 328 -6.69 8.80 -8.97
CA ILE B 328 -6.68 10.24 -8.62
C ILE B 328 -5.34 10.50 -7.90
N GLU B 329 -4.59 11.47 -8.42
CA GLU B 329 -3.25 11.81 -7.86
C GLU B 329 -3.16 13.30 -7.67
N GLY B 330 -2.38 13.70 -6.68
CA GLY B 330 -2.34 15.13 -6.43
C GLY B 330 -1.29 15.51 -5.42
N ASP B 331 -1.24 16.81 -5.18
CA ASP B 331 -0.23 17.31 -4.30
C ASP B 331 -0.45 17.66 -2.86
N ALA B 332 -0.42 16.63 -2.03
CA ALA B 332 -0.61 16.82 -0.60
C ALA B 332 0.45 17.79 -0.05
N GLY B 333 -0.02 18.97 0.36
CA GLY B 333 0.82 20.04 0.93
C GLY B 333 0.36 20.56 2.32
N SER B 338 -1.59 21.74 -4.26
CA SER B 338 -2.37 20.63 -4.77
C SER B 338 -2.95 20.70 -6.17
N ASN B 339 -2.35 19.86 -7.00
CA ASN B 339 -2.86 19.89 -8.34
C ASN B 339 -3.30 18.48 -8.70
N LEU B 340 -4.59 18.25 -8.62
CA LEU B 340 -5.13 16.94 -8.88
C LEU B 340 -5.38 16.63 -10.31
N VAL B 341 -5.41 15.34 -10.61
CA VAL B 341 -5.67 14.95 -11.99
C VAL B 341 -6.25 13.59 -11.76
N LEU B 342 -7.23 13.25 -12.56
CA LEU B 342 -7.87 11.94 -12.53
C LEU B 342 -7.49 11.25 -13.84
N TYR B 343 -6.98 10.04 -13.77
CA TYR B 343 -6.63 9.33 -15.01
C TYR B 343 -7.54 8.11 -15.16
N PHE B 344 -8.09 7.93 -16.35
CA PHE B 344 -8.93 6.75 -16.48
C PHE B 344 -8.56 5.95 -17.72
N TYR B 345 -8.60 4.64 -17.59
CA TYR B 345 -8.27 3.82 -18.73
C TYR B 345 -9.23 2.64 -18.68
N GLY B 346 -10.21 2.60 -19.58
CA GLY B 346 -11.17 1.48 -19.51
C GLY B 346 -12.27 1.56 -20.55
N ILE B 347 -13.40 0.91 -20.32
CA ILE B 347 -14.49 0.93 -21.29
C ILE B 347 -15.44 2.11 -21.13
N LYS B 348 -15.59 2.95 -22.14
CA LYS B 348 -16.52 4.05 -21.87
C LYS B 348 -17.91 3.46 -21.63
N ASN B 349 -17.99 2.16 -21.85
CA ASN B 349 -19.19 1.34 -21.69
C ASN B 349 -19.45 0.87 -20.25
N GLY B 350 -20.32 -0.13 -20.04
CA GLY B 350 -20.64 -0.71 -18.74
C GLY B 350 -19.67 -1.81 -18.25
N GLU B 383 -16.69 -8.29 -27.27
CA GLU B 383 -15.58 -7.42 -27.64
C GLU B 383 -15.62 -6.24 -26.68
N GLU B 384 -14.45 -5.86 -26.17
CA GLU B 384 -14.34 -4.73 -25.24
C GLU B 384 -13.06 -3.93 -25.55
N GLU B 385 -13.32 -2.66 -25.88
CA GLU B 385 -12.25 -1.73 -26.24
C GLU B 385 -12.06 -0.55 -25.28
N GLN B 386 -10.86 -0.45 -24.73
CA GLN B 386 -10.49 0.59 -23.78
C GLN B 386 -10.06 1.97 -24.30
N THR B 387 -10.36 2.99 -23.48
CA THR B 387 -10.05 4.39 -23.79
C THR B 387 -9.42 5.05 -22.58
N MET B 388 -8.55 6.01 -22.83
CA MET B 388 -7.84 6.74 -21.78
C MET B 388 -8.54 8.06 -21.61
N GLU B 389 -8.48 8.58 -20.40
CA GLU B 389 -9.07 9.88 -20.13
C GLU B 389 -8.21 10.54 -19.12
N VAL B 390 -7.86 11.79 -19.42
CA VAL B 390 -7.06 12.56 -18.47
C VAL B 390 -7.99 13.68 -17.98
N PHE B 391 -8.18 13.87 -16.67
CA PHE B 391 -9.11 14.87 -16.16
C PHE B 391 -8.47 15.83 -15.15
N HIS B 392 -8.38 17.06 -15.60
CA HIS B 392 -7.79 18.11 -14.82
C HIS B 392 -8.43 19.46 -15.19
N LEU B 393 -8.94 20.17 -14.17
CA LEU B 393 -9.62 21.47 -14.34
C LEU B 393 -8.49 22.41 -14.38
N ARG B 394 -8.59 23.43 -15.23
CA ARG B 394 -7.41 24.28 -15.30
C ARG B 394 -7.26 25.19 -14.14
N ASN B 395 -8.35 25.69 -13.60
CA ASN B 395 -7.97 26.58 -12.51
C ASN B 395 -9.16 26.65 -11.60
N TYR B 396 -9.30 25.57 -10.85
CA TYR B 396 -10.41 25.40 -9.92
C TYR B 396 -10.05 25.69 -8.47
N ASN B 397 -10.82 26.54 -7.79
CA ASN B 397 -10.56 26.88 -6.39
C ASN B 397 -11.41 25.91 -5.60
N SER B 398 -10.76 24.81 -5.24
CA SER B 398 -11.36 23.71 -4.52
C SER B 398 -11.95 23.97 -3.12
N VAL B 399 -11.18 24.68 -2.31
CA VAL B 399 -11.58 25.00 -0.93
C VAL B 399 -12.94 25.70 -0.98
N VAL B 400 -12.95 26.81 -1.72
CA VAL B 400 -14.14 27.62 -1.89
C VAL B 400 -15.19 26.88 -2.73
N GLY B 401 -14.72 26.35 -3.84
CA GLY B 401 -15.60 25.63 -4.76
C GLY B 401 -16.38 24.42 -4.28
N ASN B 402 -15.73 23.56 -3.49
CA ASN B 402 -16.40 22.35 -2.98
C ASN B 402 -17.45 22.68 -1.93
N ILE B 403 -17.10 23.62 -1.06
CA ILE B 403 -18.00 24.11 0.00
C ILE B 403 -19.14 24.74 -0.83
N LEU B 404 -18.77 25.50 -1.85
CA LEU B 404 -19.87 26.10 -2.58
C LEU B 404 -20.86 25.06 -3.12
N ARG B 405 -20.36 23.97 -3.66
CA ARG B 405 -21.29 23.04 -4.24
C ARG B 405 -22.21 22.49 -3.18
N ILE B 406 -21.69 22.41 -1.97
CA ILE B 406 -22.50 21.85 -0.90
C ILE B 406 -23.77 22.68 -0.74
N TYR B 407 -23.51 23.98 -0.64
CA TYR B 407 -24.62 24.92 -0.50
C TYR B 407 -25.56 24.78 -1.66
N GLU B 408 -25.04 24.60 -2.86
CA GLU B 408 -26.00 24.54 -3.95
C GLU B 408 -26.93 23.38 -3.75
N SER B 409 -26.28 22.30 -3.35
CA SER B 409 -26.95 21.05 -3.07
C SER B 409 -27.98 21.29 -1.99
N ILE B 410 -27.62 22.14 -1.03
CA ILE B 410 -28.55 22.43 0.04
C ILE B 410 -29.69 23.21 -0.64
N ALA B 411 -29.33 24.25 -1.40
CA ALA B 411 -30.37 25.02 -2.06
C ALA B 411 -31.31 24.17 -2.86
N ASP B 412 -30.76 23.16 -3.55
CA ASP B 412 -31.59 22.31 -4.40
C ASP B 412 -32.60 21.49 -3.69
N TYR B 413 -32.23 20.94 -2.55
CA TYR B 413 -33.18 20.11 -1.80
C TYR B 413 -34.22 21.10 -1.32
N HIS B 414 -33.71 22.23 -0.82
CA HIS B 414 -34.67 23.17 -0.35
C HIS B 414 -35.59 23.71 -1.39
N PHE B 415 -35.01 24.34 -2.41
CA PHE B 415 -35.81 24.96 -3.48
C PHE B 415 -36.54 24.02 -4.43
N LEU B 416 -35.86 23.00 -4.91
CA LEU B 416 -36.49 22.03 -5.80
C LEU B 416 -37.19 20.79 -5.22
N GLY B 417 -36.62 20.26 -4.15
CA GLY B 417 -37.11 19.05 -3.48
C GLY B 417 -36.57 17.76 -4.14
N LYS B 435 -37.01 16.17 5.77
CA LYS B 435 -35.85 15.60 6.46
C LYS B 435 -35.45 14.24 5.95
N PHE B 436 -34.25 14.13 5.39
CA PHE B 436 -33.82 12.86 4.89
C PHE B 436 -32.53 12.43 5.68
N ASP B 437 -32.36 11.12 5.85
CA ASP B 437 -31.27 10.45 6.60
C ASP B 437 -29.80 10.80 6.39
N LYS B 438 -29.29 10.41 5.25
CA LYS B 438 -27.91 10.72 4.98
C LYS B 438 -27.80 10.64 3.47
N GLN B 439 -26.67 11.07 2.91
CA GLN B 439 -26.53 10.94 1.46
C GLN B 439 -26.05 9.47 1.13
N GLY B 440 -25.37 8.84 2.07
CA GLY B 440 -24.89 7.50 1.82
C GLY B 440 -24.12 7.57 0.51
N PHE B 441 -24.52 6.72 -0.42
CA PHE B 441 -23.81 6.63 -1.70
C PHE B 441 -24.52 7.30 -2.87
N ARG B 442 -25.47 8.17 -2.54
CA ARG B 442 -26.26 8.90 -3.53
C ARG B 442 -25.56 10.11 -4.14
N PHE B 443 -25.72 10.37 -5.44
CA PHE B 443 -25.06 11.54 -5.98
C PHE B 443 -25.81 12.74 -5.52
N GLU B 444 -27.10 12.53 -5.35
CA GLU B 444 -28.05 13.56 -4.90
C GLU B 444 -27.88 13.96 -3.42
N GLY B 445 -28.42 15.11 -3.06
CA GLY B 445 -28.40 15.58 -1.68
C GLY B 445 -27.06 16.00 -1.15
N PHE B 446 -26.91 15.91 0.17
CA PHE B 446 -25.66 16.29 0.85
C PHE B 446 -25.51 15.41 2.07
N PRO B 447 -24.32 15.38 2.64
CA PRO B 447 -24.22 14.47 3.76
C PRO B 447 -24.78 15.10 5.01
N THR B 448 -25.24 14.22 5.88
CA THR B 448 -25.85 14.61 7.12
C THR B 448 -25.03 14.13 8.31
N PHE B 449 -25.38 14.58 9.52
CA PHE B 449 -24.67 14.16 10.73
C PHE B 449 -24.69 12.61 10.77
N LYS B 450 -25.61 11.96 10.05
CA LYS B 450 -25.63 10.49 10.09
C LYS B 450 -24.37 10.01 9.38
N ASP B 451 -24.09 10.62 8.23
CA ASP B 451 -22.91 10.30 7.42
C ASP B 451 -21.73 10.57 8.36
N ALA B 452 -21.74 11.67 9.12
CA ALA B 452 -20.62 11.97 9.99
C ALA B 452 -20.40 10.89 11.07
N ILE B 453 -21.52 10.45 11.61
CA ILE B 453 -21.50 9.46 12.68
C ILE B 453 -20.88 8.15 12.25
N ILE B 454 -21.33 7.68 11.09
CA ILE B 454 -20.77 6.46 10.54
C ILE B 454 -19.26 6.66 10.44
N LEU B 455 -18.89 7.83 9.94
CA LEU B 455 -17.47 8.09 9.85
C LEU B 455 -16.77 8.05 11.21
N HIS B 456 -17.41 8.65 12.19
CA HIS B 456 -16.83 8.66 13.53
C HIS B 456 -16.66 7.24 14.05
N ARG B 457 -17.64 6.43 13.71
CA ARG B 457 -17.57 5.04 14.13
C ARG B 457 -16.32 4.41 13.57
N LEU B 458 -16.16 4.50 12.27
CA LEU B 458 -14.97 3.87 11.66
C LEU B 458 -13.69 4.37 12.22
N ILE B 459 -13.67 5.68 12.34
CA ILE B 459 -12.43 6.24 12.85
C ILE B 459 -12.17 5.68 14.24
N ASP B 460 -13.25 5.47 14.96
CA ASP B 460 -13.08 4.95 16.29
C ASP B 460 -12.57 3.50 16.21
N ALA B 461 -13.15 2.73 15.32
CA ALA B 461 -12.68 1.35 15.17
C ALA B 461 -11.19 1.35 14.71
N VAL B 462 -10.78 2.37 13.98
CA VAL B 462 -9.37 2.35 13.60
C VAL B 462 -8.54 2.42 14.89
N PHE B 463 -8.83 3.35 15.79
CA PHE B 463 -8.01 3.44 17.00
C PHE B 463 -8.13 2.13 17.79
N ARG B 464 -9.34 1.63 17.91
CA ARG B 464 -9.44 0.40 18.64
C ARG B 464 -8.71 -0.80 18.09
N SER B 465 -8.65 -0.89 16.76
CA SER B 465 -7.98 -2.00 16.06
C SER B 465 -6.48 -1.93 16.36
N ASP B 466 -5.96 -0.70 16.34
CA ASP B 466 -4.55 -0.54 16.62
C ASP B 466 -4.33 -0.88 18.09
N LYS B 467 -5.12 -0.30 19.01
CA LYS B 467 -5.00 -0.60 20.45
C LYS B 467 -5.26 -2.07 20.76
N GLU B 468 -6.31 -2.67 20.23
CA GLU B 468 -6.52 -4.11 20.49
C GLU B 468 -5.65 -4.96 19.57
N GLU B 469 -4.90 -4.39 18.62
CA GLU B 469 -4.08 -5.26 17.76
C GLU B 469 -4.88 -6.37 17.13
N LYS B 470 -6.07 -6.03 16.64
CA LYS B 470 -6.99 -6.99 16.02
C LYS B 470 -7.60 -6.36 14.79
N THR B 471 -8.11 -7.26 13.96
CA THR B 471 -8.74 -6.81 12.71
C THR B 471 -10.14 -6.85 13.23
N LEU B 472 -10.81 -5.71 13.11
CA LEU B 472 -12.19 -5.55 13.58
C LEU B 472 -13.23 -5.54 12.49
N ASP B 473 -14.37 -6.12 12.83
CA ASP B 473 -15.55 -6.17 11.98
C ASP B 473 -16.27 -4.87 12.33
N VAL B 474 -16.54 -4.11 11.30
CA VAL B 474 -17.21 -2.87 11.56
C VAL B 474 -18.45 -3.08 10.72
N SER B 475 -18.74 -4.33 10.39
CA SER B 475 -19.93 -4.59 9.61
C SER B 475 -21.14 -3.88 10.21
N LYS B 476 -21.11 -3.38 11.42
CA LYS B 476 -22.39 -2.82 11.81
C LYS B 476 -22.40 -1.42 12.44
N ILE B 477 -21.88 -0.42 11.73
CA ILE B 477 -21.80 0.94 12.27
C ILE B 477 -22.63 1.97 11.55
N MET B 478 -23.18 1.57 10.39
CA MET B 478 -24.00 2.35 9.47
C MET B 478 -25.49 2.26 9.86
N ILE B 479 -25.72 1.28 10.71
CA ILE B 479 -27.06 1.07 11.19
C ILE B 479 -27.63 2.37 11.74
#